data_2WAP
#
_entry.id   2WAP
#
_cell.length_a   102.770
_cell.length_b   105.200
_cell.length_c   148.030
_cell.angle_alpha   90.00
_cell.angle_beta   90.00
_cell.angle_gamma   90.00
#
_symmetry.space_group_name_H-M   'P 21 21 21'
#
loop_
_entity.id
_entity.type
_entity.pdbx_description
1 polymer 'FATTY-ACID AMIDE HYDROLASE 1'
2 non-polymer '4-(3-{[5-(trifluoromethyl)pyridin-2-yl]oxy}benzyl)piperidine-1-carboxylic acid'
3 non-polymer 'CHLORIDE ION'
4 non-polymer 'SODIUM ION'
5 water water
#
_entity_poly.entity_id   1
_entity_poly.type   'polypeptide(L)'
_entity_poly.pdbx_seq_one_letter_code
;WTGRQKARGAATRARQKQRASLETMDKAVQRFRLQNPDLDSEALLTLPLLQLVQKLQSGELSPEAVFFTYLGKAWEVNKG
TNCVTSYLTDCETQLSQAPRQGLLYGVPVSLKECFSYKGHDSTLGLSLNEGMPSESDCVVVQVLKLQGAVPFVHTNVPQS
MFSYDCSNPLFGQTMNPWKSSKSPGGSSGGEGALIGSGGSPLGLGTDIGGSIRFPSAFCGICGLKPTGNRLSKSGLKGCV
YGQTAVQLSLGPMARDVESLALCLKALLCEHLFTLDPTVPPLPFREEVYRSSRPLRVGYYETDNYTMPSPAMRRALIETK
QRLEAAGHTLIPFLPNNIPYALEVLSTGGLFSDGGRSFLQNFKGDFVDPCLGDLILILRLPSWFKRLLSLLLKPLFPRLA
AFLNNMRPRSAEKLWKLQHEIEMYRQSVIAQWKAMNLDVLLTPMLGPALDLNTPGRATGAVSYTMLYNCLDFPAGVVPVT
TVTAEDDAQMELYKGYFGDIWDIILKKAMKNSVGLPVAVQCVALPWQEELCLRFMREVEQLMT
;
_entity_poly.pdbx_strand_id   A,B
#
loop_
_chem_comp.id
_chem_comp.type
_chem_comp.name
_chem_comp.formula
CL non-polymer 'CHLORIDE ION' 'Cl -1'
NA non-polymer 'SODIUM ION' 'Na 1'
PIX non-polymer '4-(3-{[5-(trifluoromethyl)pyridin-2-yl]oxy}benzyl)piperidine-1-carboxylic acid' 'C19 H19 F3 N2 O3'
#
# COMPACT_ATOMS: atom_id res chain seq x y z
N GLY A 3 -15.98 -15.97 34.00
CA GLY A 3 -15.42 -15.05 35.03
C GLY A 3 -15.29 -13.64 34.50
N ARG A 4 -15.95 -12.71 35.19
CA ARG A 4 -15.98 -11.32 34.77
C ARG A 4 -15.38 -10.41 35.84
N GLN A 5 -14.69 -10.97 36.83
CA GLN A 5 -14.19 -10.14 37.92
C GLN A 5 -13.07 -9.21 37.42
N LYS A 6 -12.26 -9.69 36.48
CA LYS A 6 -11.23 -8.81 35.89
C LYS A 6 -11.90 -7.65 35.15
N ALA A 7 -12.91 -7.96 34.33
CA ALA A 7 -13.66 -6.95 33.57
C ALA A 7 -14.32 -5.88 34.45
N ARG A 8 -14.85 -6.34 35.58
CA ARG A 8 -15.44 -5.45 36.56
C ARG A 8 -14.34 -4.58 37.19
N GLY A 9 -13.21 -5.19 37.53
CA GLY A 9 -12.08 -4.44 38.07
C GLY A 9 -11.67 -3.34 37.10
N ALA A 10 -11.47 -3.72 35.84
CA ALA A 10 -11.06 -2.79 34.79
C ALA A 10 -12.07 -1.67 34.61
N ALA A 11 -13.35 -2.02 34.68
CA ALA A 11 -14.43 -1.03 34.57
C ALA A 11 -14.38 -0.03 35.76
N THR A 12 -14.15 -0.52 36.97
CA THR A 12 -13.99 0.36 38.13
C THR A 12 -12.80 1.29 37.95
N ARG A 13 -11.64 0.73 37.61
CA ARG A 13 -10.42 1.51 37.50
C ARG A 13 -10.50 2.58 36.40
N ALA A 14 -11.06 2.20 35.26
CA ALA A 14 -11.26 3.13 34.14
C ALA A 14 -12.17 4.29 34.53
N ARG A 15 -13.23 3.97 35.24
CA ARG A 15 -14.19 4.96 35.67
C ARG A 15 -13.54 5.94 36.63
N GLN A 16 -12.73 5.42 37.56
CA GLN A 16 -11.92 6.24 38.46
C GLN A 16 -11.02 7.18 37.69
N LYS A 17 -10.33 6.64 36.69
CA LYS A 17 -9.43 7.42 35.85
C LYS A 17 -10.19 8.50 35.07
N GLN A 18 -11.36 8.17 34.55
CA GLN A 18 -12.17 9.14 33.84
C GLN A 18 -12.70 10.21 34.78
N ARG A 19 -13.14 9.77 35.96
CA ARG A 19 -13.61 10.66 37.03
C ARG A 19 -12.52 11.62 37.43
N ALA A 20 -11.32 11.06 37.64
CA ALA A 20 -10.13 11.84 38.03
C ALA A 20 -9.70 12.79 36.94
N SER A 21 -9.67 12.30 35.71
CA SER A 21 -9.37 13.14 34.58
C SER A 21 -10.33 14.30 34.58
N LEU A 22 -11.63 14.03 34.69
CA LEU A 22 -12.66 15.10 34.67
C LEU A 22 -12.49 16.12 35.80
N GLU A 23 -12.28 15.65 37.03
CA GLU A 23 -11.90 16.50 38.18
C GLU A 23 -10.71 17.39 37.87
N THR A 24 -9.62 16.77 37.41
CA THR A 24 -8.42 17.49 37.05
C THR A 24 -8.73 18.61 36.07
N MET A 25 -9.50 18.30 35.03
CA MET A 25 -9.83 19.30 34.01
C MET A 25 -10.68 20.43 34.61
N ASP A 26 -11.58 20.07 35.53
CA ASP A 26 -12.45 21.06 36.16
C ASP A 26 -11.65 22.03 37.01
N LYS A 27 -10.74 21.48 37.82
CA LYS A 27 -9.91 22.30 38.70
C LYS A 27 -9.10 23.29 37.90
N ALA A 28 -8.52 22.83 36.80
CA ALA A 28 -7.72 23.69 35.94
C ALA A 28 -8.53 24.84 35.33
N VAL A 29 -9.74 24.55 34.84
CA VAL A 29 -10.61 25.54 34.19
C VAL A 29 -11.06 26.62 35.17
N GLN A 30 -11.32 26.19 36.40
CA GLN A 30 -11.71 27.09 37.48
C GLN A 30 -10.57 28.04 37.85
N ARG A 31 -9.37 27.45 38.04
CA ARG A 31 -8.12 28.19 38.32
C ARG A 31 -7.83 29.22 37.20
N PHE A 32 -8.13 28.85 35.95
CA PHE A 32 -7.94 29.74 34.81
C PHE A 32 -8.97 30.86 34.80
N ARG A 33 -10.25 30.48 34.86
CA ARG A 33 -11.36 31.46 34.88
C ARG A 33 -11.24 32.54 35.97
N LEU A 34 -10.74 32.14 37.14
CA LEU A 34 -10.43 33.09 38.20
C LEU A 34 -9.42 34.10 37.72
N GLN A 35 -8.34 33.65 37.09
CA GLN A 35 -7.31 34.59 36.61
C GLN A 35 -7.71 35.33 35.34
N ASN A 36 -8.75 34.87 34.65
CA ASN A 36 -9.20 35.52 33.40
C ASN A 36 -10.71 35.74 33.37
N PRO A 37 -11.23 36.51 34.33
CA PRO A 37 -12.68 36.66 34.39
C PRO A 37 -13.25 37.45 33.22
N ASP A 38 -12.42 38.31 32.62
CA ASP A 38 -12.85 39.17 31.53
C ASP A 38 -12.86 38.49 30.16
N LEU A 39 -12.25 37.31 30.06
CA LEU A 39 -12.15 36.59 28.78
C LEU A 39 -13.54 36.32 28.20
N ASP A 40 -13.77 36.74 26.95
CA ASP A 40 -15.01 36.38 26.25
C ASP A 40 -14.90 34.97 25.66
N SER A 41 -15.34 34.00 26.44
CA SER A 41 -15.31 32.58 26.04
C SER A 41 -16.13 32.31 24.80
N GLU A 42 -17.36 32.80 24.80
CA GLU A 42 -18.34 32.53 23.75
C GLU A 42 -17.82 32.91 22.38
N ALA A 43 -17.25 34.11 22.30
CA ALA A 43 -16.65 34.65 21.07
C ALA A 43 -15.52 33.75 20.57
N LEU A 44 -14.73 33.27 21.54
CA LEU A 44 -13.58 32.42 21.27
C LEU A 44 -14.03 31.02 20.82
N LEU A 45 -14.94 30.40 21.58
CA LEU A 45 -15.46 29.07 21.26
C LEU A 45 -16.14 28.98 19.90
N THR A 46 -16.71 30.09 19.44
CA THR A 46 -17.43 30.13 18.14
C THR A 46 -16.57 30.58 16.96
N LEU A 47 -15.34 31.01 17.24
CA LEU A 47 -14.39 31.30 16.18
C LEU A 47 -14.18 30.03 15.38
N PRO A 48 -14.39 30.10 14.04
CA PRO A 48 -13.96 28.99 13.19
C PRO A 48 -12.47 28.74 13.37
N LEU A 49 -12.05 27.52 13.08
CA LEU A 49 -10.69 27.07 13.34
C LEU A 49 -9.62 27.89 12.62
N LEU A 50 -9.91 28.33 11.39
CA LEU A 50 -8.95 29.08 10.60
C LEU A 50 -8.63 30.42 11.28
N GLN A 51 -9.66 31.04 11.87
CA GLN A 51 -9.54 32.34 12.54
C GLN A 51 -8.92 32.18 13.92
N LEU A 52 -9.29 31.09 14.59
CA LEU A 52 -8.65 30.67 15.83
C LEU A 52 -7.13 30.58 15.65
N VAL A 53 -6.70 29.85 14.62
CA VAL A 53 -5.28 29.65 14.32
C VAL A 53 -4.56 30.98 14.02
N GLN A 54 -5.21 31.83 13.24
CA GLN A 54 -4.67 33.14 12.89
C GLN A 54 -4.34 33.94 14.12
N LYS A 55 -5.31 33.92 15.05
CA LYS A 55 -5.24 34.71 16.27
C LYS A 55 -4.25 34.10 17.26
N LEU A 56 -4.14 32.78 17.26
CA LEU A 56 -3.06 32.14 17.98
C LEU A 56 -1.76 32.62 17.38
N GLN A 57 -1.66 32.59 16.06
CA GLN A 57 -0.42 32.88 15.37
C GLN A 57 -0.07 34.38 15.53
N SER A 58 -1.07 35.24 15.35
CA SER A 58 -0.88 36.68 15.51
C SER A 58 -0.45 37.03 16.94
N GLY A 59 -0.88 36.23 17.91
CA GLY A 59 -0.63 36.51 19.33
C GLY A 59 -1.84 37.15 20.02
N GLU A 60 -2.86 37.48 19.23
CA GLU A 60 -4.09 38.08 19.75
C GLU A 60 -4.73 37.21 20.84
N LEU A 61 -4.75 35.90 20.62
CA LEU A 61 -5.16 34.96 21.66
C LEU A 61 -3.97 34.13 22.07
N SER A 62 -3.78 33.99 23.39
CA SER A 62 -2.71 33.15 23.91
C SER A 62 -3.16 31.70 23.85
N PRO A 63 -2.21 30.76 23.82
CA PRO A 63 -2.59 29.35 23.88
C PRO A 63 -3.42 29.03 25.13
N GLU A 64 -2.93 29.49 26.29
CA GLU A 64 -3.64 29.29 27.59
C GLU A 64 -5.11 29.62 27.47
N ALA A 65 -5.38 30.76 26.82
CA ALA A 65 -6.73 31.25 26.67
C ALA A 65 -7.58 30.29 25.86
N VAL A 66 -7.14 29.93 24.66
CA VAL A 66 -7.95 29.03 23.82
C VAL A 66 -8.04 27.64 24.45
N PHE A 67 -6.93 27.17 25.02
CA PHE A 67 -6.86 25.85 25.63
C PHE A 67 -7.87 25.73 26.76
N PHE A 68 -7.68 26.51 27.82
CA PHE A 68 -8.52 26.36 28.99
C PHE A 68 -10.00 26.69 28.73
N THR A 69 -10.24 27.57 27.77
CA THR A 69 -11.61 27.84 27.34
C THR A 69 -12.22 26.58 26.75
N TYR A 70 -11.56 26.00 25.74
CA TYR A 70 -12.03 24.75 25.13
C TYR A 70 -12.09 23.60 26.14
N LEU A 71 -11.14 23.56 27.07
CA LEU A 71 -11.14 22.53 28.10
C LEU A 71 -12.40 22.71 28.91
N GLY A 72 -12.68 23.95 29.26
CA GLY A 72 -13.92 24.29 29.93
C GLY A 72 -15.14 23.79 29.19
N LYS A 73 -15.25 24.10 27.89
CA LYS A 73 -16.43 23.70 27.11
C LYS A 73 -16.54 22.16 27.00
N ALA A 74 -15.39 21.49 26.88
CA ALA A 74 -15.34 20.04 26.77
C ALA A 74 -15.93 19.38 28.00
N TRP A 75 -15.43 19.80 29.16
CA TRP A 75 -15.89 19.27 30.44
C TRP A 75 -17.40 19.46 30.58
N GLU A 76 -17.87 20.63 30.14
CA GLU A 76 -19.28 21.01 30.24
C GLU A 76 -20.15 20.16 29.31
N VAL A 77 -19.81 20.11 28.03
CA VAL A 77 -20.57 19.30 27.07
C VAL A 77 -20.46 17.79 27.37
N ASN A 78 -19.36 17.40 27.99
CA ASN A 78 -19.19 16.00 28.37
C ASN A 78 -20.15 15.54 29.46
N LYS A 79 -20.64 16.48 30.29
CA LYS A 79 -21.67 16.16 31.27
C LYS A 79 -22.91 15.60 30.60
N GLY A 80 -23.34 16.20 29.50
CA GLY A 80 -24.50 15.72 28.75
C GLY A 80 -24.26 14.59 27.77
N THR A 81 -23.01 14.27 27.47
CA THR A 81 -22.69 13.32 26.38
C THR A 81 -21.78 12.15 26.73
N ASN A 82 -20.98 12.25 27.77
CA ASN A 82 -20.02 11.21 28.15
C ASN A 82 -19.11 10.78 26.99
N CYS A 83 -18.45 11.77 26.38
CA CYS A 83 -17.62 11.52 25.22
C CYS A 83 -16.13 11.52 25.56
N VAL A 84 -15.76 12.06 26.71
CA VAL A 84 -14.37 12.18 27.12
C VAL A 84 -14.00 11.04 28.06
N THR A 85 -13.01 10.27 27.67
CA THR A 85 -12.54 9.11 28.40
C THR A 85 -11.38 9.46 29.31
N SER A 86 -10.54 10.38 28.83
CA SER A 86 -9.32 10.69 29.53
C SER A 86 -8.80 12.05 29.15
N TYR A 87 -8.13 12.68 30.11
CA TYR A 87 -7.49 13.99 29.95
C TYR A 87 -6.02 13.70 29.78
N LEU A 88 -5.43 14.23 28.72
CA LEU A 88 -4.10 13.77 28.28
C LEU A 88 -2.90 14.40 29.04
N THR A 89 -2.19 13.51 29.73
CA THR A 89 -0.97 13.74 30.49
C THR A 89 -0.06 14.84 29.95
N ASP A 90 0.24 15.79 30.85
CA ASP A 90 1.00 17.01 30.54
C ASP A 90 0.75 17.56 29.13
N CYS A 91 -0.51 17.62 28.73
CA CYS A 91 -0.85 18.43 27.57
C CYS A 91 -0.69 19.91 27.93
N GLU A 92 -0.70 20.20 29.24
CA GLU A 92 -0.42 21.55 29.77
C GLU A 92 1.04 21.94 29.64
N THR A 93 1.94 20.99 29.88
CA THR A 93 3.38 21.18 29.63
C THR A 93 3.63 21.27 28.12
N GLN A 94 2.79 20.56 27.36
CA GLN A 94 2.81 20.59 25.90
C GLN A 94 2.32 21.95 25.40
N LEU A 95 1.30 22.47 26.09
CA LEU A 95 0.76 23.82 25.86
C LEU A 95 1.86 24.88 25.80
N SER A 96 2.74 24.88 26.79
CA SER A 96 3.84 25.86 26.86
C SER A 96 5.04 25.55 25.95
N GLN A 97 5.11 24.32 25.42
CA GLN A 97 6.17 23.92 24.47
C GLN A 97 5.76 24.16 23.01
N ALA A 98 4.48 23.98 22.70
CA ALA A 98 3.95 24.01 21.34
C ALA A 98 4.78 24.85 20.36
N PRO A 99 5.49 24.20 19.41
CA PRO A 99 6.29 24.98 18.44
C PRO A 99 5.52 26.15 17.80
N ARG A 100 6.04 27.34 18.04
CA ARG A 100 5.40 28.61 17.64
C ARG A 100 5.14 28.70 16.13
N GLN A 101 6.02 28.09 15.35
CA GLN A 101 5.90 28.05 13.90
C GLN A 101 4.81 27.09 13.42
N GLY A 102 4.43 26.14 14.27
CA GLY A 102 3.52 25.06 13.88
C GLY A 102 2.23 25.53 13.24
N LEU A 103 1.82 24.85 12.17
CA LEU A 103 0.58 25.22 11.45
C LEU A 103 -0.66 25.10 12.32
N LEU A 104 -0.55 24.38 13.42
CA LEU A 104 -1.64 24.23 14.36
C LEU A 104 -1.23 24.74 15.73
N TYR A 105 -0.41 25.80 15.74
CA TYR A 105 0.10 26.34 16.99
C TYR A 105 -1.01 26.68 17.95
N GLY A 106 -1.04 25.97 19.07
CA GLY A 106 -1.93 26.28 20.18
C GLY A 106 -3.34 25.77 20.02
N VAL A 107 -3.57 24.95 18.99
CA VAL A 107 -4.88 24.37 18.74
C VAL A 107 -5.05 23.14 19.60
N PRO A 108 -6.08 23.14 20.45
CA PRO A 108 -6.42 21.92 21.18
C PRO A 108 -7.04 20.91 20.23
N VAL A 109 -6.60 19.66 20.32
CA VAL A 109 -7.12 18.60 19.47
C VAL A 109 -7.60 17.41 20.30
N SER A 110 -8.78 16.91 19.94
CA SER A 110 -9.34 15.71 20.56
C SER A 110 -8.89 14.48 19.78
N LEU A 111 -8.62 13.38 20.49
CA LEU A 111 -8.20 12.14 19.86
C LEU A 111 -9.14 10.99 20.20
N LYS A 112 -9.54 10.23 19.19
CA LYS A 112 -10.23 8.96 19.43
C LYS A 112 -9.29 8.12 20.27
N GLU A 113 -9.83 7.29 21.15
CA GLU A 113 -9.01 6.62 22.18
C GLU A 113 -7.91 5.68 21.63
N CYS A 114 -8.09 5.20 20.41
CA CYS A 114 -7.13 4.30 19.79
C CYS A 114 -5.85 5.00 19.31
N PHE A 115 -5.87 6.31 19.21
CA PHE A 115 -4.63 7.07 18.96
C PHE A 115 -3.77 7.07 20.22
N SER A 116 -2.75 6.22 20.24
CA SER A 116 -1.97 6.01 21.46
C SER A 116 -1.27 7.28 21.89
N TYR A 117 -1.15 7.45 23.21
CA TYR A 117 -0.58 8.63 23.84
C TYR A 117 0.27 8.16 25.01
N LYS A 118 1.46 8.72 25.15
CA LYS A 118 2.37 8.26 26.20
C LYS A 118 1.72 8.29 27.58
N GLY A 119 1.81 7.14 28.24
CA GLY A 119 1.32 6.97 29.59
C GLY A 119 -0.16 6.68 29.69
N HIS A 120 -0.84 6.54 28.55
CA HIS A 120 -2.28 6.32 28.53
C HIS A 120 -2.73 5.01 27.96
N ASP A 121 -3.75 4.42 28.58
CA ASP A 121 -4.44 3.28 28.00
C ASP A 121 -5.10 3.73 26.73
N SER A 122 -5.15 2.81 25.78
CA SER A 122 -6.07 2.89 24.65
C SER A 122 -6.89 1.63 24.81
N THR A 123 -7.90 1.71 25.67
CA THR A 123 -8.66 0.52 26.09
C THR A 123 -9.51 -0.05 24.97
N LEU A 124 -9.97 0.80 24.06
CA LEU A 124 -10.97 0.43 23.07
C LEU A 124 -12.22 -0.13 23.72
N GLY A 125 -12.46 0.22 24.98
CA GLY A 125 -13.57 -0.32 25.74
C GLY A 125 -13.37 -1.77 26.16
N LEU A 126 -12.20 -2.31 25.83
CA LEU A 126 -11.87 -3.70 26.14
C LEU A 126 -11.16 -3.78 27.49
N SER A 127 -11.52 -4.81 28.25
CA SER A 127 -10.94 -5.04 29.55
C SER A 127 -9.45 -5.36 29.46
N LEU A 128 -9.06 -6.17 28.48
CA LEU A 128 -7.66 -6.62 28.38
C LEU A 128 -6.69 -5.48 28.05
N ASN A 129 -7.21 -4.37 27.54
CA ASN A 129 -6.37 -3.21 27.19
C ASN A 129 -6.32 -2.20 28.31
N GLU A 130 -7.00 -2.47 29.42
CA GLU A 130 -6.97 -1.59 30.58
C GLU A 130 -5.71 -1.89 31.37
N GLY A 131 -5.12 -0.85 31.94
CA GLY A 131 -3.85 -0.96 32.67
C GLY A 131 -2.70 -1.31 31.77
N MET A 132 -2.71 -0.78 30.55
CA MET A 132 -1.68 -1.07 29.55
C MET A 132 -1.30 0.23 28.88
N PRO A 133 -0.63 1.12 29.61
CA PRO A 133 -0.40 2.45 29.08
C PRO A 133 0.54 2.39 27.87
N SER A 134 0.27 3.18 26.84
CA SER A 134 1.16 3.19 25.70
C SER A 134 2.51 3.76 26.10
N GLU A 135 3.53 3.15 25.54
CA GLU A 135 4.90 3.48 25.78
C GLU A 135 5.30 4.80 25.14
N SER A 136 4.52 5.24 24.16
CA SER A 136 4.79 6.50 23.46
C SER A 136 3.63 6.93 22.57
N ASP A 137 3.65 8.21 22.21
CA ASP A 137 2.65 8.75 21.29
C ASP A 137 2.73 8.05 19.94
N CYS A 138 1.57 7.75 19.35
CA CYS A 138 1.53 7.30 17.96
C CYS A 138 2.03 8.42 17.05
N VAL A 139 2.45 8.05 15.84
CA VAL A 139 3.06 8.98 14.87
C VAL A 139 2.25 10.25 14.61
N VAL A 140 0.95 10.12 14.32
CA VAL A 140 0.15 11.32 13.98
C VAL A 140 -0.04 12.23 15.18
N VAL A 141 -0.03 11.65 16.39
CA VAL A 141 0.04 12.47 17.61
C VAL A 141 1.36 13.25 17.64
N GLN A 142 2.47 12.54 17.41
CA GLN A 142 3.77 13.18 17.42
C GLN A 142 3.80 14.38 16.50
N VAL A 143 3.23 14.25 15.29
CA VAL A 143 3.28 15.36 14.31
C VAL A 143 2.35 16.50 14.67
N LEU A 144 1.16 16.19 15.18
CA LEU A 144 0.29 17.22 15.72
C LEU A 144 1.10 18.09 16.69
N LYS A 145 1.70 17.42 17.68
CA LYS A 145 2.52 18.07 18.70
C LYS A 145 3.64 18.89 18.05
N LEU A 146 4.37 18.26 17.12
CA LEU A 146 5.48 18.92 16.41
C LEU A 146 4.98 20.09 15.59
N GLN A 147 3.73 20.01 15.21
CA GLN A 147 3.06 21.01 14.42
C GLN A 147 2.36 22.05 15.29
N GLY A 148 2.64 22.07 16.60
CA GLY A 148 2.10 23.08 17.51
C GLY A 148 0.80 22.74 18.21
N ALA A 149 0.11 21.70 17.75
CA ALA A 149 -1.16 21.29 18.34
C ALA A 149 -0.97 20.71 19.73
N VAL A 150 -2.08 20.64 20.47
CA VAL A 150 -2.08 20.25 21.87
C VAL A 150 -3.18 19.21 22.07
N PRO A 151 -2.84 17.94 21.84
CA PRO A 151 -3.84 16.92 22.05
C PRO A 151 -4.18 16.91 23.53
N PHE A 152 -5.45 17.05 23.86
CA PHE A 152 -5.86 17.26 25.25
C PHE A 152 -6.76 16.18 25.83
N VAL A 153 -7.59 15.52 25.00
CA VAL A 153 -8.42 14.41 25.49
C VAL A 153 -8.47 13.20 24.58
N HIS A 154 -8.73 12.06 25.21
CA HIS A 154 -9.18 10.84 24.53
C HIS A 154 -10.69 10.77 24.58
N THR A 155 -11.31 10.53 23.43
CA THR A 155 -12.74 10.43 23.34
C THR A 155 -13.22 9.00 23.18
N ASN A 156 -14.39 8.73 23.73
CA ASN A 156 -14.96 7.40 23.84
C ASN A 156 -15.15 6.76 22.47
N VAL A 157 -15.12 5.43 22.49
CA VAL A 157 -15.38 4.61 21.32
C VAL A 157 -16.28 3.48 21.76
N PRO A 158 -16.99 2.83 20.82
CA PRO A 158 -17.73 1.64 21.19
C PRO A 158 -16.75 0.53 21.46
N GLN A 159 -17.15 -0.45 22.26
CA GLN A 159 -16.28 -1.56 22.60
C GLN A 159 -15.72 -2.23 21.35
N SER A 160 -14.39 -2.27 21.25
CA SER A 160 -13.65 -2.82 20.08
C SER A 160 -13.70 -1.94 18.83
N MET A 161 -14.36 -0.80 18.91
CA MET A 161 -14.50 0.08 17.75
C MET A 161 -15.20 -0.57 16.58
N PHE A 162 -15.97 -1.62 16.83
CA PHE A 162 -16.66 -2.27 15.72
C PHE A 162 -18.18 -2.22 15.85
N SER A 163 -18.66 -1.06 16.23
CA SER A 163 -20.06 -0.69 16.12
C SER A 163 -20.07 0.72 15.62
N TYR A 164 -21.17 1.15 15.01
CA TYR A 164 -21.31 2.58 14.72
C TYR A 164 -22.25 3.28 15.71
N ASP A 165 -22.34 2.68 16.89
CA ASP A 165 -22.87 3.31 18.10
C ASP A 165 -21.63 3.65 18.93
N CYS A 166 -21.78 3.93 20.23
CA CYS A 166 -20.64 4.42 21.02
C CYS A 166 -20.74 4.15 22.53
N SER A 167 -20.97 2.88 22.87
CA SER A 167 -21.00 2.45 24.26
C SER A 167 -20.01 1.33 24.51
N ASN A 168 -19.42 1.31 25.69
CA ASN A 168 -18.54 0.21 26.06
C ASN A 168 -18.63 0.05 27.54
N PRO A 169 -18.33 -1.15 28.05
CA PRO A 169 -18.58 -1.47 29.45
C PRO A 169 -17.61 -0.81 30.44
N LEU A 170 -16.54 -0.22 29.92
CA LEU A 170 -15.59 0.51 30.76
C LEU A 170 -16.10 1.92 31.08
N PHE A 171 -16.28 2.73 30.04
CA PHE A 171 -16.65 4.15 30.20
C PHE A 171 -18.11 4.41 29.94
N GLY A 172 -18.83 3.39 29.52
CA GLY A 172 -20.26 3.50 29.32
C GLY A 172 -20.59 4.03 27.94
N GLN A 173 -21.72 4.74 27.86
CA GLN A 173 -22.33 5.10 26.61
C GLN A 173 -22.26 6.59 26.33
N THR A 174 -21.76 6.92 25.14
CA THR A 174 -21.70 8.29 24.68
C THR A 174 -22.99 8.65 23.94
N MET A 175 -23.45 9.88 24.11
CA MET A 175 -24.70 10.31 23.51
C MET A 175 -24.55 11.39 22.46
N ASN A 176 -25.54 11.45 21.58
CA ASN A 176 -25.62 12.48 20.58
C ASN A 176 -25.98 13.78 21.29
N PRO A 177 -25.18 14.85 21.08
CA PRO A 177 -25.43 16.14 21.75
C PRO A 177 -26.71 16.86 21.30
N TRP A 178 -27.24 16.48 20.15
CA TRP A 178 -28.49 17.05 19.66
C TRP A 178 -29.71 16.41 20.30
N LYS A 179 -29.62 15.13 20.66
CA LYS A 179 -30.75 14.40 21.26
C LYS A 179 -30.21 13.21 22.02
N SER A 180 -30.47 13.16 23.33
CA SER A 180 -29.80 12.18 24.18
C SER A 180 -30.26 10.74 23.94
N SER A 181 -31.42 10.54 23.31
CA SER A 181 -31.89 9.20 22.96
C SER A 181 -31.29 8.69 21.63
N LYS A 182 -30.51 9.53 20.97
CA LYS A 182 -29.91 9.15 19.70
C LYS A 182 -28.44 8.80 19.88
N SER A 183 -27.94 7.97 18.96
CA SER A 183 -26.54 7.60 18.90
C SER A 183 -25.71 8.75 18.31
N PRO A 184 -24.51 8.96 18.83
CA PRO A 184 -23.60 9.94 18.25
C PRO A 184 -22.90 9.37 17.02
N GLY A 185 -23.17 8.12 16.69
CA GLY A 185 -22.45 7.41 15.64
C GLY A 185 -21.21 6.78 16.22
N GLY A 186 -20.46 6.08 15.39
CA GLY A 186 -19.18 5.54 15.81
C GLY A 186 -18.46 4.86 14.67
N SER A 187 -17.30 4.27 14.93
CA SER A 187 -16.67 4.20 16.24
C SER A 187 -16.10 5.53 16.75
N SER A 188 -15.94 6.53 15.90
CA SER A 188 -15.40 7.82 16.35
C SER A 188 -16.50 8.68 16.97
N GLY A 189 -17.28 8.08 17.86
CA GLY A 189 -18.47 8.75 18.41
C GLY A 189 -18.16 9.79 19.46
N GLY A 190 -17.18 9.50 20.31
CA GLY A 190 -16.70 10.50 21.24
C GLY A 190 -16.34 11.80 20.53
N GLU A 191 -15.53 11.69 19.49
CA GLU A 191 -15.16 12.86 18.67
C GLU A 191 -16.36 13.58 18.10
N GLY A 192 -17.30 12.83 17.55
CA GLY A 192 -18.53 13.40 17.01
C GLY A 192 -19.28 14.23 18.04
N ALA A 193 -19.51 13.64 19.19
CA ALA A 193 -20.23 14.33 20.25
C ALA A 193 -19.49 15.60 20.68
N LEU A 194 -18.19 15.45 20.90
CA LEU A 194 -17.39 16.53 21.45
C LEU A 194 -17.27 17.71 20.48
N ILE A 195 -16.89 17.43 19.24
CA ILE A 195 -16.72 18.47 18.24
C ILE A 195 -18.09 19.07 17.89
N GLY A 196 -19.09 18.20 17.84
CA GLY A 196 -20.43 18.61 17.44
C GLY A 196 -21.19 19.40 18.47
N SER A 197 -20.67 19.48 19.69
CA SER A 197 -21.26 20.31 20.73
C SER A 197 -20.38 21.52 21.04
N GLY A 198 -19.28 21.70 20.29
CA GLY A 198 -18.39 22.85 20.48
C GLY A 198 -17.16 22.63 21.37
N GLY A 199 -16.98 21.39 21.86
CA GLY A 199 -15.95 21.08 22.86
C GLY A 199 -14.54 20.90 22.32
N SER A 200 -14.40 20.79 21.00
CA SER A 200 -13.09 20.65 20.37
C SER A 200 -13.17 21.15 18.95
N PRO A 201 -12.18 21.94 18.53
CA PRO A 201 -12.21 22.51 17.20
C PRO A 201 -11.80 21.52 16.11
N LEU A 202 -11.08 20.48 16.52
CA LEU A 202 -10.48 19.57 15.58
C LEU A 202 -10.12 18.28 16.30
N GLY A 203 -10.54 17.17 15.72
CA GLY A 203 -10.22 15.86 16.26
C GLY A 203 -9.82 14.87 15.17
N LEU A 204 -9.37 13.71 15.60
CA LEU A 204 -8.97 12.65 14.70
C LEU A 204 -9.72 11.38 15.02
N GLY A 205 -10.29 10.79 13.98
CA GLY A 205 -10.93 9.49 14.10
C GLY A 205 -10.28 8.45 13.19
N THR A 206 -10.88 7.28 13.15
CA THR A 206 -10.45 6.26 12.22
C THR A 206 -11.70 5.66 11.62
N ASP A 207 -11.51 4.91 10.55
CA ASP A 207 -12.60 4.52 9.70
C ASP A 207 -12.16 3.33 8.86
N ILE A 208 -12.76 2.18 9.13
CA ILE A 208 -12.55 0.98 8.32
C ILE A 208 -13.85 0.56 7.62
N GLY A 209 -14.97 1.10 8.12
CA GLY A 209 -16.30 0.81 7.57
C GLY A 209 -17.27 2.00 7.59
N GLY A 210 -16.74 3.20 7.86
CA GLY A 210 -17.57 4.41 8.00
C GLY A 210 -17.43 5.14 9.32
N SER A 211 -16.46 4.73 10.14
CA SER A 211 -16.35 5.19 11.52
C SER A 211 -15.90 6.65 11.74
N ILE A 212 -15.51 7.32 10.68
CA ILE A 212 -15.31 8.75 10.72
C ILE A 212 -16.60 9.40 10.23
N ARG A 213 -17.24 8.78 9.25
CA ARG A 213 -18.34 9.42 8.54
C ARG A 213 -19.67 9.26 9.24
N PHE A 214 -19.86 8.17 9.97
CA PHE A 214 -21.07 7.95 10.75
C PHE A 214 -21.20 9.01 11.83
N PRO A 215 -20.20 9.11 12.72
CA PRO A 215 -20.31 10.11 13.78
C PRO A 215 -20.35 11.51 13.26
N SER A 216 -19.55 11.82 12.24
CA SER A 216 -19.56 13.14 11.64
C SER A 216 -20.97 13.51 11.18
N ALA A 217 -21.63 12.59 10.50
CA ALA A 217 -22.94 12.89 9.92
C ALA A 217 -24.03 12.91 10.96
N PHE A 218 -23.97 11.97 11.89
CA PHE A 218 -24.95 11.84 12.99
C PHE A 218 -24.92 13.08 13.88
N CYS A 219 -23.71 13.60 14.13
CA CYS A 219 -23.51 14.75 15.03
C CYS A 219 -23.39 16.07 14.27
N GLY A 220 -23.56 16.02 12.96
CA GLY A 220 -23.62 17.22 12.12
C GLY A 220 -22.32 17.99 12.04
N ILE A 221 -21.20 17.29 11.96
CA ILE A 221 -19.91 17.93 11.71
C ILE A 221 -19.40 17.37 10.39
N CYS A 222 -18.24 17.83 9.94
CA CYS A 222 -17.64 17.17 8.78
C CYS A 222 -16.41 16.38 9.15
N GLY A 223 -16.16 15.35 8.35
CA GLY A 223 -15.05 14.45 8.55
C GLY A 223 -14.65 13.87 7.21
N LEU A 224 -13.39 13.47 7.13
CA LEU A 224 -12.81 12.88 5.93
C LEU A 224 -12.13 11.55 6.27
N LYS A 225 -12.45 10.52 5.48
CA LYS A 225 -11.69 9.27 5.52
C LYS A 225 -10.87 9.28 4.27
N PRO A 226 -9.59 9.67 4.37
CA PRO A 226 -8.71 9.64 3.21
C PRO A 226 -8.42 8.22 2.73
N THR A 227 -7.56 8.15 1.71
CA THR A 227 -7.05 6.88 1.23
C THR A 227 -6.26 6.25 2.37
N GLY A 228 -6.46 4.96 2.59
CA GLY A 228 -5.92 4.25 3.74
C GLY A 228 -4.52 4.66 4.14
N ASN A 229 -3.59 4.59 3.19
CA ASN A 229 -2.17 4.85 3.46
C ASN A 229 -1.75 6.29 3.14
N ARG A 230 -2.67 7.25 3.17
CA ARG A 230 -2.29 8.66 2.99
C ARG A 230 -1.67 9.20 4.27
N LEU A 231 -2.14 8.68 5.41
CA LEU A 231 -1.61 9.03 6.73
C LEU A 231 -1.12 7.79 7.51
N SER A 232 -0.24 8.04 8.46
CA SER A 232 0.38 6.98 9.23
C SER A 232 -0.58 6.38 10.24
N LYS A 233 -0.76 5.07 10.14
CA LYS A 233 -1.44 4.25 11.14
C LYS A 233 -0.49 3.78 12.24
N SER A 234 0.75 4.28 12.25
CA SER A 234 1.76 3.79 13.19
C SER A 234 1.39 4.22 14.59
N GLY A 235 1.48 3.27 15.52
CA GLY A 235 1.08 3.48 16.90
C GLY A 235 -0.40 3.47 17.21
N LEU A 236 -1.25 3.18 16.23
CA LEU A 236 -2.71 3.08 16.46
C LEU A 236 -3.06 1.76 17.13
N LYS A 237 -3.89 1.83 18.15
CA LYS A 237 -4.36 0.62 18.82
C LYS A 237 -5.59 0.10 18.08
N GLY A 238 -5.59 -1.19 17.76
CA GLY A 238 -6.75 -1.85 17.13
C GLY A 238 -6.98 -3.16 17.83
N CYS A 239 -7.94 -3.96 17.37
CA CYS A 239 -7.96 -5.34 17.86
C CYS A 239 -7.71 -6.42 16.84
N VAL A 240 -7.56 -6.10 15.57
CA VAL A 240 -7.04 -7.08 14.62
C VAL A 240 -5.90 -6.43 13.88
N TYR A 241 -4.75 -7.09 13.89
CA TYR A 241 -3.61 -6.62 13.14
C TYR A 241 -3.36 -7.53 11.94
N GLY A 242 -2.90 -6.92 10.84
CA GLY A 242 -2.50 -7.68 9.64
C GLY A 242 -3.59 -8.05 8.66
N GLN A 243 -4.79 -7.52 8.87
CA GLN A 243 -5.89 -7.60 7.90
C GLN A 243 -5.73 -6.42 6.92
N THR A 244 -5.31 -6.73 5.68
CA THR A 244 -4.93 -5.72 4.71
C THR A 244 -5.87 -5.62 3.53
N ALA A 245 -6.91 -6.44 3.52
CA ALA A 245 -7.88 -6.41 2.44
C ALA A 245 -8.72 -5.13 2.46
N VAL A 246 -9.31 -4.84 3.62
CA VAL A 246 -10.01 -3.58 3.83
C VAL A 246 -9.12 -2.74 4.74
N GLN A 247 -8.61 -1.66 4.14
CA GLN A 247 -7.67 -0.76 4.75
C GLN A 247 -8.33 0.05 5.85
N LEU A 248 -7.64 0.16 6.98
CA LEU A 248 -8.03 1.10 7.99
C LEU A 248 -7.52 2.47 7.58
N SER A 249 -8.38 3.46 7.64
CA SER A 249 -7.98 4.81 7.34
C SER A 249 -8.19 5.67 8.57
N LEU A 250 -7.34 6.66 8.75
CA LEU A 250 -7.55 7.63 9.81
C LEU A 250 -7.69 8.99 9.17
N GLY A 251 -8.31 9.91 9.89
CA GLY A 251 -8.56 11.23 9.35
C GLY A 251 -9.18 12.22 10.31
N PRO A 252 -9.38 13.45 9.81
CA PRO A 252 -9.81 14.56 10.63
C PRO A 252 -11.32 14.64 10.71
N MET A 253 -11.79 15.16 11.86
CA MET A 253 -13.19 15.52 12.06
C MET A 253 -13.18 16.92 12.64
N ALA A 254 -14.14 17.75 12.24
CA ALA A 254 -14.12 19.18 12.57
C ALA A 254 -15.41 19.91 12.16
N ARG A 255 -15.56 21.13 12.63
CA ARG A 255 -16.82 21.87 12.44
C ARG A 255 -17.02 22.37 11.02
N ASP A 256 -15.94 22.66 10.30
CA ASP A 256 -16.04 23.06 8.90
C ASP A 256 -15.03 22.26 8.06
N VAL A 257 -15.19 22.28 6.74
CA VAL A 257 -14.30 21.50 5.87
C VAL A 257 -12.92 22.16 5.77
N GLU A 258 -12.87 23.47 5.90
CA GLU A 258 -11.58 24.15 5.96
C GLU A 258 -10.68 23.52 7.03
N SER A 259 -11.27 23.13 8.14
CA SER A 259 -10.51 22.54 9.24
C SER A 259 -9.96 21.19 8.84
N LEU A 260 -10.73 20.44 8.09
CA LEU A 260 -10.26 19.16 7.60
C LEU A 260 -9.05 19.34 6.68
N ALA A 261 -9.11 20.38 5.83
CA ALA A 261 -7.99 20.70 4.92
C ALA A 261 -6.74 21.15 5.68
N LEU A 262 -6.94 21.99 6.70
CA LEU A 262 -5.83 22.49 7.49
C LEU A 262 -5.15 21.36 8.21
N CYS A 263 -5.96 20.44 8.68
CA CYS A 263 -5.45 19.31 9.40
C CYS A 263 -4.61 18.44 8.49
N LEU A 264 -5.13 18.09 7.32
CA LEU A 264 -4.31 17.37 6.35
C LEU A 264 -3.02 18.13 6.00
N LYS A 265 -3.16 19.42 5.67
CA LYS A 265 -2.00 20.23 5.26
C LYS A 265 -0.93 20.14 6.35
N ALA A 266 -1.37 20.19 7.60
CA ALA A 266 -0.49 20.15 8.77
C ALA A 266 0.11 18.76 8.98
N LEU A 267 -0.69 17.71 8.81
CA LEU A 267 -0.23 16.32 9.00
C LEU A 267 0.67 15.78 7.87
N LEU A 268 0.48 16.29 6.64
CA LEU A 268 1.23 15.83 5.49
C LEU A 268 2.48 16.67 5.27
N CYS A 269 3.53 16.35 6.03
CA CYS A 269 4.78 17.13 6.04
C CYS A 269 5.99 16.29 6.47
N GLU A 270 7.19 16.85 6.37
CA GLU A 270 8.40 16.04 6.57
C GLU A 270 8.37 15.33 7.90
N HIS A 271 7.81 15.94 8.93
CA HIS A 271 7.70 15.28 10.24
C HIS A 271 7.04 13.91 10.12
N LEU A 272 5.88 13.86 9.46
CA LEU A 272 5.16 12.58 9.30
C LEU A 272 5.92 11.60 8.39
N PHE A 273 6.37 12.10 7.24
CA PHE A 273 7.02 11.24 6.26
C PHE A 273 8.32 10.65 6.79
N THR A 274 9.00 11.41 7.65
CA THR A 274 10.19 10.95 8.38
C THR A 274 9.84 9.91 9.44
N LEU A 275 8.88 10.26 10.29
CA LEU A 275 8.53 9.41 11.42
C LEU A 275 7.93 8.10 10.94
N ASP A 276 7.27 8.13 9.78
CA ASP A 276 6.76 6.91 9.16
C ASP A 276 7.01 6.91 7.62
N PRO A 277 8.21 6.50 7.23
CA PRO A 277 8.56 6.38 5.82
C PRO A 277 7.67 5.45 5.01
N THR A 278 6.82 4.65 5.64
CA THR A 278 5.93 3.75 4.88
C THR A 278 4.78 4.52 4.22
N VAL A 279 4.51 5.71 4.76
CA VAL A 279 3.54 6.59 4.16
C VAL A 279 4.20 7.25 2.96
N PRO A 280 3.50 7.27 1.79
CA PRO A 280 4.00 8.01 0.63
C PRO A 280 4.09 9.48 0.92
N PRO A 281 5.25 10.08 0.66
CA PRO A 281 5.41 11.48 0.99
C PRO A 281 4.72 12.41 0.00
N LEU A 282 3.39 12.44 0.09
CA LEU A 282 2.54 13.25 -0.80
C LEU A 282 2.10 14.48 -0.05
N PRO A 283 2.69 15.63 -0.37
CA PRO A 283 2.24 16.79 0.40
C PRO A 283 0.83 17.21 0.00
N PHE A 284 0.21 18.02 0.83
CA PHE A 284 -1.12 18.49 0.58
C PHE A 284 -1.05 19.52 -0.54
N ARG A 285 -1.75 19.27 -1.64
CA ARG A 285 -1.70 20.15 -2.80
C ARG A 285 -2.84 21.16 -2.72
N GLU A 286 -2.50 22.32 -2.16
CA GLU A 286 -3.41 23.44 -1.93
C GLU A 286 -4.17 23.82 -3.19
N GLU A 287 -3.43 24.00 -4.28
CA GLU A 287 -3.99 24.52 -5.53
C GLU A 287 -5.19 23.69 -5.98
N VAL A 288 -5.13 22.38 -5.73
CA VAL A 288 -6.20 21.46 -6.05
C VAL A 288 -7.38 21.63 -5.08
N TYR A 289 -7.08 21.78 -3.80
CA TYR A 289 -8.12 22.05 -2.80
C TYR A 289 -8.83 23.37 -3.07
N ARG A 290 -8.05 24.38 -3.47
CA ARG A 290 -8.53 25.76 -3.64
C ARG A 290 -9.15 26.01 -5.01
N SER A 291 -8.98 25.06 -5.93
CA SER A 291 -9.53 25.22 -7.27
C SER A 291 -11.02 25.59 -7.22
N SER A 292 -11.44 26.48 -8.10
CA SER A 292 -12.86 26.79 -8.21
C SER A 292 -13.35 26.54 -9.64
N ARG A 293 -12.79 25.51 -10.27
CA ARG A 293 -13.25 25.15 -11.60
C ARG A 293 -14.38 24.15 -11.52
N PRO A 294 -15.24 24.08 -12.55
CA PRO A 294 -16.37 23.17 -12.51
C PRO A 294 -15.95 21.73 -12.33
N LEU A 295 -16.89 20.93 -11.82
CA LEU A 295 -16.67 19.51 -11.52
C LEU A 295 -17.73 18.70 -12.26
N ARG A 296 -17.29 17.61 -12.87
CA ARG A 296 -18.20 16.56 -13.28
C ARG A 296 -18.46 15.73 -12.04
N VAL A 297 -19.70 15.77 -11.57
CA VAL A 297 -20.07 15.14 -10.30
C VAL A 297 -21.00 13.95 -10.53
N GLY A 298 -20.46 12.74 -10.40
CA GLY A 298 -21.31 11.56 -10.39
C GLY A 298 -22.23 11.67 -9.20
N TYR A 299 -23.47 11.21 -9.33
CA TYR A 299 -24.38 11.18 -8.17
C TYR A 299 -25.32 10.00 -8.25
N TYR A 300 -25.66 9.46 -7.08
CA TYR A 300 -26.78 8.54 -6.94
C TYR A 300 -27.57 8.89 -5.68
N GLU A 301 -28.87 8.62 -5.74
CA GLU A 301 -29.83 8.94 -4.66
C GLU A 301 -30.00 7.81 -3.67
N THR A 302 -29.65 6.61 -4.10
CA THR A 302 -29.87 5.38 -3.34
C THR A 302 -28.87 4.34 -3.84
N ASP A 303 -28.45 3.45 -2.94
CA ASP A 303 -27.51 2.40 -3.34
C ASP A 303 -28.22 1.08 -3.59
N ASN A 304 -29.55 1.11 -3.72
CA ASN A 304 -30.41 -0.09 -3.82
C ASN A 304 -30.08 -1.19 -2.83
N TYR A 305 -29.52 -0.81 -1.68
CA TYR A 305 -29.17 -1.75 -0.64
C TYR A 305 -29.84 -1.29 0.63
N THR A 306 -29.49 -0.07 1.06
CA THR A 306 -30.08 0.62 2.19
C THR A 306 -30.95 1.73 1.63
N MET A 307 -32.24 1.53 1.69
CA MET A 307 -33.21 2.55 1.35
C MET A 307 -32.91 3.81 2.15
N PRO A 308 -32.67 4.94 1.45
CA PRO A 308 -32.43 6.18 2.18
C PRO A 308 -33.65 6.66 2.96
N SER A 309 -33.37 7.37 4.05
CA SER A 309 -34.40 8.06 4.77
C SER A 309 -34.89 9.20 3.87
N PRO A 310 -36.16 9.58 3.98
CA PRO A 310 -36.61 10.75 3.24
C PRO A 310 -35.64 11.92 3.37
N ALA A 311 -35.17 12.18 4.59
CA ALA A 311 -34.19 13.25 4.83
C ALA A 311 -32.88 13.10 4.00
N MET A 312 -32.38 11.88 3.87
CA MET A 312 -31.19 11.60 3.05
C MET A 312 -31.46 11.92 1.60
N ARG A 313 -32.56 11.38 1.09
CA ARG A 313 -32.93 11.60 -0.30
C ARG A 313 -33.00 13.10 -0.59
N ARG A 314 -33.71 13.82 0.27
CA ARG A 314 -33.88 15.25 0.10
C ARG A 314 -32.54 15.96 0.14
N ALA A 315 -31.72 15.60 1.11
CA ALA A 315 -30.37 16.17 1.28
C ALA A 315 -29.55 15.95 0.03
N LEU A 316 -29.63 14.74 -0.51
CA LEU A 316 -28.90 14.39 -1.71
C LEU A 316 -29.40 15.19 -2.92
N ILE A 317 -30.71 15.12 -3.18
CA ILE A 317 -31.31 15.80 -4.31
C ILE A 317 -31.10 17.32 -4.25
N GLU A 318 -31.19 17.88 -3.04
CA GLU A 318 -31.04 19.33 -2.88
C GLU A 318 -29.63 19.81 -3.18
N THR A 319 -28.62 19.07 -2.67
CA THR A 319 -27.21 19.43 -2.94
C THR A 319 -26.87 19.18 -4.42
N LYS A 320 -27.54 18.21 -5.02
CA LYS A 320 -27.39 17.98 -6.46
C LYS A 320 -27.83 19.25 -7.21
N GLN A 321 -29.06 19.70 -6.94
CA GLN A 321 -29.64 20.84 -7.64
C GLN A 321 -28.85 22.11 -7.42
N ARG A 322 -28.36 22.29 -6.20
CA ARG A 322 -27.53 23.46 -5.87
C ARG A 322 -26.20 23.43 -6.61
N LEU A 323 -25.60 22.25 -6.70
CA LEU A 323 -24.36 22.07 -7.46
C LEU A 323 -24.56 22.35 -8.96
N GLU A 324 -25.68 21.86 -9.50
CA GLU A 324 -26.03 22.14 -10.90
C GLU A 324 -26.20 23.63 -11.12
N ALA A 325 -26.97 24.28 -10.24
CA ALA A 325 -27.17 25.73 -10.28
C ALA A 325 -25.85 26.47 -10.23
N ALA A 326 -24.87 25.92 -9.50
CA ALA A 326 -23.54 26.50 -9.41
C ALA A 326 -22.64 26.12 -10.60
N GLY A 327 -23.24 25.52 -11.62
CA GLY A 327 -22.58 25.29 -12.89
C GLY A 327 -21.72 24.06 -12.93
N HIS A 328 -22.00 23.09 -12.07
CA HIS A 328 -21.33 21.78 -12.12
C HIS A 328 -22.25 20.82 -12.88
N THR A 329 -21.67 19.88 -13.64
CA THR A 329 -22.50 18.88 -14.34
C THR A 329 -22.63 17.62 -13.51
N LEU A 330 -23.87 17.22 -13.32
CA LEU A 330 -24.24 16.15 -12.44
C LEU A 330 -24.64 14.94 -13.28
N ILE A 331 -23.91 13.84 -13.08
CA ILE A 331 -24.06 12.64 -13.90
C ILE A 331 -24.56 11.47 -13.04
N PRO A 332 -25.74 10.92 -13.40
CA PRO A 332 -26.18 9.68 -12.76
C PRO A 332 -25.10 8.60 -12.84
N PHE A 333 -24.71 8.08 -11.69
CA PHE A 333 -23.61 7.13 -11.63
C PHE A 333 -23.72 6.29 -10.36
N LEU A 334 -23.67 4.98 -10.51
CA LEU A 334 -23.74 4.08 -9.36
C LEU A 334 -22.67 3.01 -9.56
N PRO A 335 -21.72 2.92 -8.63
CA PRO A 335 -20.73 1.85 -8.73
C PRO A 335 -21.38 0.47 -8.95
N ASN A 336 -20.83 -0.28 -9.89
CA ASN A 336 -21.37 -1.58 -10.24
C ASN A 336 -21.24 -2.56 -9.08
N ASN A 337 -22.14 -3.51 -9.05
CA ASN A 337 -22.06 -4.64 -8.13
C ASN A 337 -21.73 -4.26 -6.68
N ILE A 338 -22.53 -3.34 -6.14
CA ILE A 338 -22.42 -2.98 -4.74
C ILE A 338 -22.71 -4.18 -3.82
N PRO A 339 -23.83 -4.88 -4.05
CA PRO A 339 -24.04 -6.12 -3.30
C PRO A 339 -22.79 -7.00 -3.14
N TYR A 340 -22.13 -7.28 -4.24
CA TYR A 340 -20.89 -8.03 -4.28
C TYR A 340 -19.84 -7.42 -3.35
N ALA A 341 -19.60 -6.13 -3.56
CA ALA A 341 -18.59 -5.38 -2.81
C ALA A 341 -18.82 -5.39 -1.30
N LEU A 342 -20.09 -5.39 -0.93
CA LEU A 342 -20.44 -5.36 0.47
C LEU A 342 -20.46 -6.77 1.04
N GLU A 343 -21.27 -7.63 0.44
CA GLU A 343 -21.59 -8.92 1.03
C GLU A 343 -20.43 -9.90 0.98
N VAL A 344 -19.67 -9.91 -0.09
CA VAL A 344 -18.57 -10.85 -0.19
C VAL A 344 -17.21 -10.17 0.03
N LEU A 345 -16.97 -9.07 -0.68
CA LEU A 345 -15.65 -8.41 -0.58
C LEU A 345 -15.40 -7.76 0.76
N SER A 346 -16.38 -7.02 1.27
CA SER A 346 -16.19 -6.25 2.50
C SER A 346 -16.28 -7.15 3.72
N THR A 347 -17.32 -7.97 3.76
CA THR A 347 -17.51 -8.90 4.86
C THR A 347 -16.35 -9.89 4.94
N GLY A 348 -15.98 -10.42 3.78
CA GLY A 348 -14.92 -11.40 3.69
C GLY A 348 -13.58 -10.82 4.03
N GLY A 349 -13.38 -9.55 3.68
CA GLY A 349 -12.11 -8.89 3.94
C GLY A 349 -11.95 -8.59 5.41
N LEU A 350 -13.03 -8.14 6.03
CA LEU A 350 -13.07 -7.85 7.46
C LEU A 350 -13.12 -9.10 8.33
N PHE A 351 -13.69 -10.19 7.80
CA PHE A 351 -13.81 -11.42 8.59
C PHE A 351 -13.22 -12.64 7.88
N SER A 352 -12.13 -12.41 7.15
CA SER A 352 -11.41 -13.48 6.47
C SER A 352 -11.19 -14.70 7.38
N ASP A 353 -10.97 -14.46 8.67
CA ASP A 353 -10.68 -15.52 9.63
C ASP A 353 -11.89 -16.02 10.47
N GLY A 354 -13.10 -15.76 9.99
CA GLY A 354 -14.32 -16.10 10.74
C GLY A 354 -14.62 -15.19 11.92
N GLY A 355 -13.76 -14.18 12.13
CA GLY A 355 -13.85 -13.27 13.27
C GLY A 355 -13.05 -13.72 14.48
N ARG A 356 -12.23 -14.75 14.32
CA ARG A 356 -11.56 -15.37 15.46
C ARG A 356 -10.54 -14.43 16.12
N SER A 357 -9.75 -13.71 15.35
CA SER A 357 -8.77 -12.74 15.90
C SER A 357 -9.48 -11.69 16.73
N PHE A 358 -10.53 -11.14 16.13
CA PHE A 358 -11.37 -10.12 16.75
C PHE A 358 -12.03 -10.62 18.02
N LEU A 359 -12.55 -11.86 17.98
CA LEU A 359 -13.20 -12.46 19.15
C LEU A 359 -12.26 -12.71 20.31
N GLN A 360 -10.97 -12.83 20.04
CA GLN A 360 -9.97 -13.01 21.09
C GLN A 360 -10.01 -11.90 22.14
N ASN A 361 -10.38 -10.69 21.71
CA ASN A 361 -10.41 -9.53 22.59
C ASN A 361 -11.54 -9.52 23.61
N PHE A 362 -12.54 -10.37 23.38
CA PHE A 362 -13.70 -10.42 24.25
C PHE A 362 -13.61 -11.55 25.27
N LYS A 363 -12.57 -12.37 25.18
CA LYS A 363 -12.42 -13.48 26.13
C LYS A 363 -12.50 -12.89 27.52
N GLY A 364 -13.47 -13.32 28.31
CA GLY A 364 -13.58 -12.90 29.71
C GLY A 364 -14.29 -11.58 29.95
N ASP A 365 -14.43 -10.79 28.89
CA ASP A 365 -14.95 -9.42 28.95
C ASP A 365 -16.47 -9.45 28.73
N PHE A 366 -17.17 -8.46 29.27
CA PHE A 366 -18.58 -8.25 28.90
C PHE A 366 -18.64 -7.85 27.45
N VAL A 367 -19.78 -8.13 26.82
CA VAL A 367 -20.02 -7.66 25.47
C VAL A 367 -21.13 -6.60 25.50
N ASP A 368 -20.78 -5.37 25.11
CA ASP A 368 -21.69 -4.22 25.19
C ASP A 368 -22.88 -4.45 24.29
N PRO A 369 -24.09 -4.11 24.76
CA PRO A 369 -25.28 -4.25 23.92
C PRO A 369 -25.21 -3.58 22.54
N CYS A 370 -24.42 -2.51 22.40
CA CYS A 370 -24.40 -1.76 21.15
C CYS A 370 -23.66 -2.49 20.01
N LEU A 371 -23.00 -3.58 20.37
CA LEU A 371 -22.48 -4.53 19.40
C LEU A 371 -23.57 -5.40 18.80
N GLY A 372 -24.74 -5.47 19.45
CA GLY A 372 -25.82 -6.33 19.00
C GLY A 372 -25.43 -7.79 19.13
N ASP A 373 -25.84 -8.62 18.17
CA ASP A 373 -25.52 -10.06 18.18
C ASP A 373 -24.24 -10.41 17.40
N LEU A 374 -23.43 -9.42 17.08
CA LEU A 374 -22.23 -9.65 16.29
C LEU A 374 -21.34 -10.72 16.93
N ILE A 375 -21.08 -10.58 18.22
CA ILE A 375 -20.15 -11.48 18.90
C ILE A 375 -20.71 -12.87 18.90
N LEU A 376 -21.99 -12.98 19.25
CA LEU A 376 -22.72 -14.25 19.25
C LEU A 376 -22.62 -14.94 17.88
N ILE A 377 -22.72 -14.14 16.81
CA ILE A 377 -22.74 -14.64 15.44
C ILE A 377 -21.37 -15.08 14.94
N LEU A 378 -20.37 -14.23 15.14
CA LEU A 378 -18.99 -14.59 14.80
C LEU A 378 -18.55 -15.87 15.52
N ARG A 379 -19.01 -16.01 16.77
CA ARG A 379 -18.72 -17.18 17.60
C ARG A 379 -19.32 -18.47 17.07
N LEU A 380 -20.35 -18.36 16.22
CA LEU A 380 -20.95 -19.56 15.62
C LEU A 380 -19.91 -20.32 14.82
N PRO A 381 -19.94 -21.66 14.91
CA PRO A 381 -19.02 -22.47 14.10
C PRO A 381 -19.22 -22.30 12.59
N SER A 382 -18.16 -22.55 11.82
CA SER A 382 -18.18 -22.33 10.37
C SER A 382 -19.27 -23.14 9.67
N TRP A 383 -19.43 -24.40 10.06
CA TRP A 383 -20.44 -25.28 9.44
C TRP A 383 -21.85 -24.74 9.64
N PHE A 384 -22.08 -24.11 10.79
CA PHE A 384 -23.41 -23.62 11.16
C PHE A 384 -23.69 -22.30 10.46
N LYS A 385 -22.69 -21.44 10.34
CA LYS A 385 -22.84 -20.23 9.52
C LYS A 385 -23.28 -20.63 8.11
N ARG A 386 -22.59 -21.63 7.55
CA ARG A 386 -22.96 -22.22 6.25
C ARG A 386 -24.41 -22.72 6.22
N LEU A 387 -24.75 -23.58 7.18
CA LEU A 387 -26.09 -24.17 7.23
C LEU A 387 -27.18 -23.13 7.38
N LEU A 388 -26.91 -22.14 8.22
CA LEU A 388 -27.88 -21.13 8.54
C LEU A 388 -28.04 -20.28 7.30
N SER A 389 -26.91 -19.93 6.70
CA SER A 389 -26.89 -19.24 5.44
C SER A 389 -27.82 -19.89 4.41
N LEU A 390 -27.65 -21.17 4.10
CA LEU A 390 -28.49 -21.75 3.01
C LEU A 390 -29.95 -22.00 3.42
N LEU A 391 -30.22 -22.09 4.73
CA LEU A 391 -31.60 -22.03 5.24
C LEU A 391 -32.22 -20.64 5.01
N LEU A 392 -31.51 -19.60 5.44
CA LEU A 392 -31.96 -18.19 5.30
C LEU A 392 -32.03 -17.65 3.87
N LYS A 393 -31.26 -18.27 2.96
CA LYS A 393 -31.02 -17.72 1.63
C LYS A 393 -32.34 -17.42 0.89
N PRO A 394 -33.20 -18.45 0.74
CA PRO A 394 -34.50 -18.18 0.09
C PRO A 394 -35.34 -17.08 0.77
N LEU A 395 -35.22 -16.93 2.08
CA LEU A 395 -36.04 -15.95 2.82
C LEU A 395 -35.37 -14.58 3.01
N PHE A 396 -34.23 -14.56 3.69
CA PHE A 396 -33.59 -13.28 4.04
C PHE A 396 -32.16 -13.18 3.47
N PRO A 397 -32.06 -12.91 2.15
CA PRO A 397 -30.81 -13.05 1.38
C PRO A 397 -29.61 -12.26 1.87
N ARG A 398 -29.86 -11.09 2.45
CA ARG A 398 -28.79 -10.27 2.99
C ARG A 398 -28.13 -10.93 4.20
N LEU A 399 -28.96 -11.56 5.03
CA LEU A 399 -28.49 -12.18 6.25
C LEU A 399 -27.72 -13.44 5.89
N ALA A 400 -28.28 -14.19 4.96
CA ALA A 400 -27.62 -15.39 4.42
C ALA A 400 -26.23 -15.04 3.93
N ALA A 401 -26.18 -14.02 3.08
CA ALA A 401 -24.94 -13.53 2.49
C ALA A 401 -23.93 -13.10 3.55
N PHE A 402 -24.40 -12.36 4.54
CA PHE A 402 -23.54 -11.91 5.63
C PHE A 402 -22.93 -13.11 6.35
N LEU A 403 -23.77 -14.05 6.80
CA LEU A 403 -23.30 -15.27 7.50
C LEU A 403 -22.32 -16.05 6.67
N ASN A 404 -22.66 -16.19 5.39
CA ASN A 404 -21.88 -17.04 4.50
C ASN A 404 -20.48 -16.51 4.21
N ASN A 405 -20.30 -15.20 4.35
CA ASN A 405 -19.05 -14.55 4.00
C ASN A 405 -18.17 -14.16 5.20
N MET A 406 -18.52 -14.63 6.38
CA MET A 406 -17.77 -14.30 7.59
C MET A 406 -17.23 -15.59 8.21
N ARG A 407 -16.79 -16.50 7.35
CA ARG A 407 -16.30 -17.80 7.79
C ARG A 407 -14.82 -17.82 7.65
N PRO A 408 -14.15 -18.75 8.34
CA PRO A 408 -12.70 -18.86 8.13
C PRO A 408 -12.38 -19.37 6.71
N ARG A 409 -11.21 -18.96 6.20
CA ARG A 409 -10.72 -19.42 4.91
C ARG A 409 -9.24 -19.68 5.01
N SER A 410 -8.76 -20.37 3.99
CA SER A 410 -7.34 -20.57 3.80
C SER A 410 -6.70 -19.28 3.34
N ALA A 411 -5.39 -19.22 3.54
CA ALA A 411 -4.58 -18.16 2.96
C ALA A 411 -4.82 -18.12 1.46
N GLU A 412 -4.94 -19.31 0.89
CA GLU A 412 -5.19 -19.48 -0.53
C GLU A 412 -6.41 -18.69 -0.97
N LYS A 413 -7.52 -18.89 -0.25
CA LYS A 413 -8.80 -18.21 -0.53
C LYS A 413 -8.73 -16.71 -0.23
N LEU A 414 -7.94 -16.35 0.78
CA LEU A 414 -7.69 -14.95 1.09
C LEU A 414 -7.01 -14.22 -0.07
N TRP A 415 -5.99 -14.85 -0.64
CA TRP A 415 -5.33 -14.30 -1.83
C TRP A 415 -6.35 -14.05 -2.92
N LYS A 416 -7.21 -15.04 -3.15
CA LYS A 416 -8.23 -14.93 -4.18
C LYS A 416 -9.13 -13.74 -3.93
N LEU A 417 -9.56 -13.58 -2.67
CA LEU A 417 -10.47 -12.52 -2.28
C LEU A 417 -9.81 -11.16 -2.49
N GLN A 418 -8.57 -11.05 -2.03
CA GLN A 418 -7.74 -9.87 -2.19
C GLN A 418 -7.66 -9.42 -3.64
N HIS A 419 -7.46 -10.40 -4.52
CA HIS A 419 -7.37 -10.16 -5.95
C HIS A 419 -8.72 -9.70 -6.53
N GLU A 420 -9.81 -10.27 -6.02
CA GLU A 420 -11.14 -9.81 -6.40
C GLU A 420 -11.42 -8.37 -5.92
N ILE A 421 -10.87 -8.00 -4.78
CA ILE A 421 -10.93 -6.61 -4.31
C ILE A 421 -10.09 -5.68 -5.21
N GLU A 422 -8.90 -6.13 -5.60
CA GLU A 422 -8.04 -5.36 -6.50
C GLU A 422 -8.74 -5.09 -7.82
N MET A 423 -9.35 -6.13 -8.38
CA MET A 423 -10.04 -6.04 -9.67
C MET A 423 -11.33 -5.24 -9.56
N TYR A 424 -11.99 -5.33 -8.41
CA TYR A 424 -13.24 -4.62 -8.24
C TYR A 424 -12.91 -3.14 -8.17
N ARG A 425 -11.83 -2.82 -7.45
CA ARG A 425 -11.35 -1.46 -7.38
C ARG A 425 -11.16 -0.96 -8.80
N GLN A 426 -10.45 -1.73 -9.63
CA GLN A 426 -10.15 -1.36 -11.03
C GLN A 426 -11.44 -1.24 -11.85
N SER A 427 -12.41 -2.09 -11.54
CA SER A 427 -13.73 -2.03 -12.18
C SER A 427 -14.41 -0.70 -11.98
N VAL A 428 -14.54 -0.25 -10.73
CA VAL A 428 -15.21 1.01 -10.43
C VAL A 428 -14.39 2.17 -11.00
N ILE A 429 -13.07 2.05 -11.03
CA ILE A 429 -12.23 3.13 -11.56
C ILE A 429 -12.46 3.30 -13.07
N ALA A 430 -12.46 2.20 -13.80
CA ALA A 430 -12.73 2.24 -15.23
C ALA A 430 -14.12 2.84 -15.49
N GLN A 431 -15.09 2.45 -14.65
CA GLN A 431 -16.46 2.97 -14.72
C GLN A 431 -16.46 4.49 -14.60
N TRP A 432 -15.75 4.94 -13.56
CA TRP A 432 -15.61 6.31 -13.18
C TRP A 432 -14.99 7.08 -14.32
N LYS A 433 -13.91 6.54 -14.87
CA LYS A 433 -13.18 7.18 -15.94
C LYS A 433 -14.00 7.19 -17.21
N ALA A 434 -14.66 6.07 -17.50
CA ALA A 434 -15.62 5.98 -18.64
C ALA A 434 -16.60 7.15 -18.67
N MET A 435 -17.12 7.49 -17.50
CA MET A 435 -18.07 8.58 -17.35
C MET A 435 -17.38 9.91 -17.06
N ASN A 436 -16.05 9.87 -17.04
CA ASN A 436 -15.22 11.06 -16.91
C ASN A 436 -15.49 11.91 -15.68
N LEU A 437 -15.80 11.26 -14.56
CA LEU A 437 -16.11 11.94 -13.31
C LEU A 437 -14.89 12.58 -12.70
N ASP A 438 -15.06 13.78 -12.15
CA ASP A 438 -14.06 14.37 -11.27
C ASP A 438 -14.28 13.85 -9.83
N VAL A 439 -15.55 13.64 -9.47
CA VAL A 439 -15.90 13.44 -8.09
C VAL A 439 -17.29 12.78 -7.99
N LEU A 440 -17.63 12.29 -6.82
CA LEU A 440 -18.85 11.51 -6.64
C LEU A 440 -19.61 11.96 -5.40
N LEU A 441 -20.91 12.20 -5.60
CA LEU A 441 -21.84 12.67 -4.59
C LEU A 441 -22.80 11.53 -4.23
N THR A 442 -23.03 11.34 -2.95
CA THR A 442 -23.60 10.11 -2.47
C THR A 442 -24.47 10.43 -1.25
N PRO A 443 -25.48 9.57 -0.95
CA PRO A 443 -26.17 9.78 0.31
C PRO A 443 -25.28 9.32 1.43
N MET A 444 -25.41 9.93 2.59
CA MET A 444 -24.80 9.42 3.79
C MET A 444 -25.89 9.01 4.73
N LEU A 445 -25.66 7.91 5.46
CA LEU A 445 -26.63 7.46 6.44
C LEU A 445 -26.95 8.56 7.43
N GLY A 446 -28.23 8.70 7.70
CA GLY A 446 -28.76 9.76 8.55
C GLY A 446 -30.27 9.83 8.41
N PRO A 447 -30.95 10.44 9.40
CA PRO A 447 -30.41 11.00 10.63
C PRO A 447 -29.92 9.97 11.61
N ALA A 448 -29.29 10.45 12.68
CA ALA A 448 -28.78 9.61 13.75
C ALA A 448 -29.79 8.53 14.18
N LEU A 449 -29.32 7.31 14.29
CA LEU A 449 -30.13 6.20 14.76
C LEU A 449 -30.34 6.25 16.28
N ASP A 450 -31.43 5.63 16.72
CA ASP A 450 -31.72 5.41 18.15
C ASP A 450 -30.55 4.65 18.80
N LEU A 451 -30.51 4.73 20.12
CA LEU A 451 -29.26 4.59 20.86
C LEU A 451 -28.72 3.15 21.05
N ASN A 452 -29.40 2.11 20.60
CA ASN A 452 -28.74 0.79 20.61
C ASN A 452 -28.96 0.01 19.34
N THR A 453 -29.33 0.72 18.29
CA THR A 453 -29.76 0.13 17.06
C THR A 453 -28.69 -0.04 15.96
N PRO A 454 -27.61 0.78 15.95
CA PRO A 454 -26.53 0.55 14.91
C PRO A 454 -26.00 -0.88 14.85
N GLY A 455 -25.82 -1.51 16.01
CA GLY A 455 -25.42 -2.92 16.11
C GLY A 455 -26.45 -3.92 15.58
N ARG A 456 -27.61 -3.44 15.19
CA ARG A 456 -28.67 -4.28 14.62
C ARG A 456 -29.18 -3.82 13.27
N ALA A 457 -28.79 -2.62 12.86
CA ALA A 457 -29.03 -2.13 11.52
C ALA A 457 -27.74 -2.30 10.72
N THR A 458 -27.29 -3.54 10.61
CA THR A 458 -25.97 -3.84 10.04
C THR A 458 -25.91 -3.51 8.56
N GLY A 459 -27.05 -3.58 7.88
CA GLY A 459 -27.09 -3.29 6.45
C GLY A 459 -26.78 -1.87 6.10
N ALA A 460 -27.14 -0.94 6.98
CA ALA A 460 -27.01 0.51 6.74
C ALA A 460 -25.56 1.01 6.62
N VAL A 461 -24.62 0.12 6.88
CA VAL A 461 -23.22 0.43 6.70
C VAL A 461 -22.86 0.65 5.19
N SER A 462 -23.75 0.23 4.31
CA SER A 462 -23.56 0.23 2.85
C SER A 462 -23.06 1.52 2.17
N TYR A 463 -23.57 2.66 2.61
CA TYR A 463 -23.19 3.91 1.94
C TYR A 463 -21.72 4.30 2.19
N THR A 464 -21.19 3.84 3.30
CA THR A 464 -19.83 4.14 3.70
C THR A 464 -18.89 3.00 3.33
N MET A 465 -19.25 1.81 3.81
CA MET A 465 -18.45 0.60 3.63
C MET A 465 -17.92 0.47 2.20
N LEU A 466 -18.79 0.75 1.24
CA LEU A 466 -18.39 0.65 -0.16
C LEU A 466 -17.03 1.31 -0.45
N TYR A 467 -16.76 2.48 0.13
CA TYR A 467 -15.53 3.24 -0.17
C TYR A 467 -14.34 2.86 0.72
N ASN A 468 -14.62 2.13 1.79
CA ASN A 468 -13.56 1.45 2.54
C ASN A 468 -13.06 0.29 1.70
N CYS A 469 -13.99 -0.38 1.05
CA CYS A 469 -13.69 -1.53 0.19
C CYS A 469 -12.90 -1.10 -1.02
N LEU A 470 -13.37 -0.05 -1.67
CA LEU A 470 -12.67 0.57 -2.79
C LEU A 470 -11.41 1.34 -2.38
N ASP A 471 -11.30 1.71 -1.11
CA ASP A 471 -10.20 2.56 -0.61
C ASP A 471 -10.11 3.93 -1.35
N PHE A 472 -11.29 4.53 -1.53
CA PHE A 472 -11.43 5.86 -2.12
C PHE A 472 -11.53 6.84 -0.96
N PRO A 473 -10.93 8.03 -1.11
CA PRO A 473 -11.18 9.06 -0.09
C PRO A 473 -12.64 9.43 -0.12
N ALA A 474 -13.23 9.47 1.05
CA ALA A 474 -14.63 9.77 1.16
C ALA A 474 -14.83 10.62 2.40
N GLY A 475 -15.55 11.71 2.17
CA GLY A 475 -15.84 12.65 3.23
C GLY A 475 -17.33 12.85 3.34
N VAL A 476 -17.73 13.42 4.47
CA VAL A 476 -19.13 13.63 4.75
C VAL A 476 -19.29 15.09 5.23
N VAL A 477 -20.28 15.80 4.67
CA VAL A 477 -20.56 17.18 5.11
C VAL A 477 -22.06 17.33 5.40
N PRO A 478 -22.38 18.01 6.52
CA PRO A 478 -23.78 18.22 6.88
C PRO A 478 -24.39 19.28 6.01
N VAL A 479 -25.59 19.03 5.47
CA VAL A 479 -26.21 19.92 4.47
C VAL A 479 -27.66 20.33 4.76
N THR A 480 -28.30 19.66 5.71
CA THR A 480 -29.67 20.02 6.09
C THR A 480 -30.05 19.41 7.45
N THR A 481 -31.26 19.67 7.92
CA THR A 481 -31.82 18.97 9.10
C THR A 481 -33.16 18.35 8.83
N VAL A 482 -33.46 17.30 9.58
CA VAL A 482 -34.70 16.57 9.40
C VAL A 482 -35.88 17.48 9.71
N THR A 483 -36.68 17.75 8.67
CA THR A 483 -37.95 18.47 8.81
C THR A 483 -39.04 17.51 9.26
N ALA A 484 -40.10 18.06 9.86
CA ALA A 484 -41.25 17.25 10.27
C ALA A 484 -41.81 16.43 9.11
N GLU A 485 -41.80 17.00 7.90
CA GLU A 485 -42.13 16.27 6.66
C GLU A 485 -41.32 14.97 6.51
N ASP A 486 -39.99 15.09 6.58
CA ASP A 486 -39.12 13.94 6.38
C ASP A 486 -39.46 12.87 7.38
N ASP A 487 -39.59 13.29 8.63
CA ASP A 487 -39.74 12.37 9.77
C ASP A 487 -41.06 11.64 9.71
N ALA A 488 -42.10 12.32 9.21
CA ALA A 488 -43.41 11.72 9.06
C ALA A 488 -43.41 10.71 7.92
N GLN A 489 -42.71 11.04 6.83
CA GLN A 489 -42.62 10.14 5.68
C GLN A 489 -41.86 8.84 5.99
N MET A 490 -41.07 8.88 7.05
CA MET A 490 -40.48 7.70 7.67
C MET A 490 -41.48 6.56 7.94
N GLU A 491 -42.75 6.89 8.20
CA GLU A 491 -43.82 5.87 8.35
C GLU A 491 -44.01 5.02 7.12
N LEU A 492 -43.84 5.64 5.95
CA LEU A 492 -44.08 4.97 4.67
C LEU A 492 -42.83 4.29 4.15
N TYR A 493 -41.75 4.40 4.92
CA TYR A 493 -40.50 3.68 4.68
C TYR A 493 -40.67 2.17 4.91
N LYS A 494 -40.41 1.41 3.85
CA LYS A 494 -40.02 -0.01 3.95
C LYS A 494 -38.68 -0.06 3.24
N GLY A 495 -37.80 -0.92 3.72
CA GLY A 495 -36.51 -1.07 3.05
C GLY A 495 -36.64 -1.84 1.74
N TYR A 496 -35.51 -2.06 1.07
CA TYR A 496 -35.46 -2.86 -0.16
C TYR A 496 -35.63 -4.36 0.07
N PHE A 497 -35.49 -4.80 1.31
CA PHE A 497 -35.54 -6.22 1.64
C PHE A 497 -36.65 -6.54 2.61
N GLY A 498 -36.82 -5.72 3.64
CA GLY A 498 -37.83 -5.99 4.67
C GLY A 498 -37.40 -7.03 5.70
N ASP A 499 -36.11 -7.35 5.69
CA ASP A 499 -35.51 -8.18 6.75
C ASP A 499 -35.29 -7.32 7.99
N ILE A 500 -34.84 -7.94 9.07
CA ILE A 500 -34.80 -7.24 10.36
C ILE A 500 -33.88 -6.00 10.38
N TRP A 501 -32.89 -5.98 9.47
CA TRP A 501 -31.98 -4.83 9.33
C TRP A 501 -32.67 -3.58 8.82
N ASP A 502 -33.59 -3.77 7.87
CA ASP A 502 -34.48 -2.68 7.42
C ASP A 502 -35.53 -2.33 8.50
N ILE A 503 -36.09 -3.36 9.13
CA ILE A 503 -37.10 -3.16 10.17
C ILE A 503 -36.52 -2.30 11.29
N ILE A 504 -35.33 -2.66 11.78
CA ILE A 504 -34.68 -1.92 12.88
C ILE A 504 -34.29 -0.50 12.47
N LEU A 505 -33.78 -0.37 11.25
CA LEU A 505 -33.36 0.92 10.72
C LEU A 505 -34.52 1.89 10.57
N LYS A 506 -35.65 1.39 10.07
CA LYS A 506 -36.89 2.18 9.93
C LYS A 506 -37.22 2.83 11.28
N LYS A 507 -37.28 2.00 12.31
CA LYS A 507 -37.63 2.41 13.67
C LYS A 507 -36.57 3.35 14.25
N ALA A 508 -35.32 2.93 14.14
CA ALA A 508 -34.19 3.70 14.65
C ALA A 508 -34.13 5.15 14.11
N MET A 509 -34.51 5.35 12.85
CA MET A 509 -34.42 6.68 12.22
C MET A 509 -35.65 7.55 12.45
N LYS A 510 -36.60 7.06 13.24
CA LYS A 510 -37.79 7.83 13.61
C LYS A 510 -37.51 8.77 14.79
N ASN A 511 -38.40 9.74 14.96
CA ASN A 511 -38.31 10.72 16.06
C ASN A 511 -37.01 11.56 15.99
N SER A 512 -36.66 11.96 14.76
CA SER A 512 -35.36 12.56 14.44
C SER A 512 -35.44 14.04 14.01
N VAL A 513 -36.53 14.70 14.35
CA VAL A 513 -36.82 16.04 13.84
C VAL A 513 -35.75 17.03 14.32
N GLY A 514 -35.20 17.80 13.41
CA GLY A 514 -34.16 18.79 13.74
C GLY A 514 -32.72 18.30 13.69
N LEU A 515 -32.54 16.99 13.62
CA LEU A 515 -31.21 16.38 13.55
C LEU A 515 -30.55 16.59 12.21
N PRO A 516 -29.21 16.70 12.21
CA PRO A 516 -28.50 17.01 11.00
C PRO A 516 -28.41 15.79 10.11
N VAL A 517 -28.51 16.04 8.82
CA VAL A 517 -28.40 15.01 7.80
C VAL A 517 -27.31 15.45 6.83
N ALA A 518 -26.51 14.47 6.42
CA ALA A 518 -25.34 14.76 5.62
C ALA A 518 -25.41 14.10 4.26
N VAL A 519 -24.39 14.42 3.49
CA VAL A 519 -24.21 13.95 2.15
C VAL A 519 -22.73 13.52 2.09
N GLN A 520 -22.42 12.54 1.24
CA GLN A 520 -21.07 11.98 1.14
C GLN A 520 -20.40 12.39 -0.16
N CYS A 521 -19.14 12.80 -0.02
CA CYS A 521 -18.31 13.24 -1.14
C CYS A 521 -17.13 12.31 -1.32
N VAL A 522 -16.98 11.80 -2.54
CA VAL A 522 -15.98 10.79 -2.81
C VAL A 522 -15.15 11.24 -4.00
N ALA A 523 -13.85 10.98 -3.94
CA ALA A 523 -12.95 11.16 -5.09
C ALA A 523 -12.15 9.88 -5.32
N LEU A 524 -11.28 9.90 -6.32
CA LEU A 524 -10.41 8.74 -6.59
C LEU A 524 -9.26 8.64 -5.56
N PRO A 525 -8.58 7.49 -5.49
CA PRO A 525 -7.49 7.30 -4.56
C PRO A 525 -6.40 8.34 -4.64
N TRP A 526 -5.94 8.76 -3.48
CA TRP A 526 -4.91 9.79 -3.31
C TRP A 526 -5.40 11.21 -3.65
N GLN A 527 -6.70 11.36 -3.92
CA GLN A 527 -7.30 12.64 -4.31
C GLN A 527 -8.02 13.33 -3.15
N GLU A 528 -7.34 13.45 -2.02
CA GLU A 528 -7.96 13.98 -0.82
C GLU A 528 -8.25 15.44 -1.03
N GLU A 529 -7.30 16.15 -1.64
CA GLU A 529 -7.46 17.60 -1.81
C GLU A 529 -8.55 17.92 -2.86
N LEU A 530 -8.73 17.06 -3.87
CA LEU A 530 -9.88 17.20 -4.75
C LEU A 530 -11.17 16.94 -3.97
N CYS A 531 -11.15 15.87 -3.18
CA CYS A 531 -12.30 15.50 -2.40
C CYS A 531 -12.75 16.69 -1.54
N LEU A 532 -11.80 17.23 -0.78
CA LEU A 532 -12.06 18.35 0.09
C LEU A 532 -12.57 19.55 -0.70
N ARG A 533 -11.96 19.79 -1.86
CA ARG A 533 -12.40 20.87 -2.75
C ARG A 533 -13.90 20.74 -3.02
N PHE A 534 -14.35 19.52 -3.30
CA PHE A 534 -15.76 19.20 -3.49
C PHE A 534 -16.60 19.38 -2.22
N MET A 535 -16.09 18.87 -1.10
CA MET A 535 -16.74 19.09 0.21
C MET A 535 -16.93 20.59 0.53
N ARG A 536 -15.90 21.39 0.28
CA ARG A 536 -16.00 22.85 0.44
C ARG A 536 -17.10 23.47 -0.42
N GLU A 537 -17.25 22.96 -1.63
CA GLU A 537 -18.28 23.41 -2.55
C GLU A 537 -19.64 23.06 -2.01
N VAL A 538 -19.80 21.81 -1.58
CA VAL A 538 -21.06 21.38 -1.01
C VAL A 538 -21.37 22.28 0.18
N GLU A 539 -20.46 22.26 1.16
CA GLU A 539 -20.57 23.11 2.34
C GLU A 539 -21.04 24.51 1.96
N GLN A 540 -20.27 25.15 1.09
CA GLN A 540 -20.54 26.53 0.65
C GLN A 540 -21.99 26.71 0.17
N LEU A 541 -22.43 25.80 -0.70
CA LEU A 541 -23.73 25.93 -1.36
C LEU A 541 -24.91 25.55 -0.48
N MET A 542 -24.67 24.78 0.58
CA MET A 542 -25.75 24.44 1.51
C MET A 542 -25.69 25.23 2.82
N THR A 543 -24.60 25.98 3.04
CA THR A 543 -24.43 26.81 4.25
C THR A 543 -24.18 28.28 3.90
N TRP B 1 -2.76 -35.66 -14.58
CA TRP B 1 -1.89 -34.58 -15.19
C TRP B 1 -0.45 -35.04 -15.40
N THR B 2 -0.27 -36.12 -16.16
CA THR B 2 1.07 -36.60 -16.56
C THR B 2 1.27 -36.70 -18.09
N GLY B 3 0.24 -36.32 -18.87
CA GLY B 3 0.33 -36.12 -20.31
C GLY B 3 0.98 -34.78 -20.61
N ARG B 4 1.89 -34.79 -21.59
CA ARG B 4 2.71 -33.63 -21.96
C ARG B 4 2.50 -33.18 -23.41
N GLN B 5 1.45 -33.71 -24.05
CA GLN B 5 1.27 -33.44 -25.46
C GLN B 5 0.99 -31.96 -25.65
N LYS B 6 0.17 -31.39 -24.78
CA LYS B 6 -0.14 -29.97 -24.87
C LYS B 6 1.11 -29.11 -24.68
N ALA B 7 1.91 -29.45 -23.67
CA ALA B 7 3.16 -28.77 -23.36
C ALA B 7 4.14 -28.80 -24.54
N ARG B 8 4.21 -29.96 -25.20
CA ARG B 8 5.04 -30.13 -26.40
C ARG B 8 4.55 -29.27 -27.55
N GLY B 9 3.23 -29.23 -27.73
CA GLY B 9 2.60 -28.36 -28.74
C GLY B 9 2.93 -26.89 -28.51
N ALA B 10 2.72 -26.44 -27.28
CA ALA B 10 3.04 -25.07 -26.87
C ALA B 10 4.52 -24.74 -27.11
N ALA B 11 5.40 -25.70 -26.78
CA ALA B 11 6.83 -25.53 -26.99
C ALA B 11 7.17 -25.34 -28.48
N THR B 12 6.57 -26.15 -29.33
CA THR B 12 6.79 -26.03 -30.77
C THR B 12 6.26 -24.70 -31.31
N ARG B 13 5.04 -24.36 -30.90
CA ARG B 13 4.38 -23.14 -31.34
C ARG B 13 5.17 -21.89 -30.93
N ALA B 14 5.60 -21.86 -29.67
CA ALA B 14 6.42 -20.76 -29.13
C ALA B 14 7.74 -20.62 -29.86
N ARG B 15 8.38 -21.76 -30.15
CA ARG B 15 9.64 -21.74 -30.87
C ARG B 15 9.45 -21.17 -32.27
N GLN B 16 8.37 -21.58 -32.96
CA GLN B 16 8.10 -21.05 -34.32
C GLN B 16 7.79 -19.54 -34.26
N LYS B 17 7.08 -19.11 -33.22
CA LYS B 17 6.88 -17.68 -32.99
C LYS B 17 8.19 -16.93 -32.75
N GLN B 18 9.08 -17.48 -31.93
CA GLN B 18 10.35 -16.80 -31.64
C GLN B 18 11.26 -16.84 -32.88
N ARG B 19 11.24 -17.96 -33.60
CA ARG B 19 12.00 -18.08 -34.85
C ARG B 19 11.46 -17.07 -35.88
N ALA B 20 10.14 -16.94 -35.96
CA ALA B 20 9.46 -15.99 -36.86
C ALA B 20 9.74 -14.55 -36.49
N SER B 21 9.67 -14.25 -35.20
CA SER B 21 10.02 -12.95 -34.69
C SER B 21 11.44 -12.62 -35.13
N LEU B 22 12.36 -13.53 -34.87
CA LEU B 22 13.79 -13.29 -35.15
C LEU B 22 14.07 -13.09 -36.65
N GLU B 23 13.42 -13.90 -37.49
CA GLU B 23 13.41 -13.68 -38.95
C GLU B 23 12.93 -12.27 -39.30
N THR B 24 11.75 -11.93 -38.78
CA THR B 24 11.16 -10.62 -39.05
C THR B 24 12.13 -9.49 -38.72
N MET B 25 12.75 -9.58 -37.54
CA MET B 25 13.67 -8.51 -37.12
C MET B 25 14.92 -8.50 -37.98
N ASP B 26 15.34 -9.68 -38.44
CA ASP B 26 16.50 -9.80 -39.34
C ASP B 26 16.25 -9.08 -40.66
N LYS B 27 15.08 -9.38 -41.26
CA LYS B 27 14.71 -8.79 -42.56
C LYS B 27 14.68 -7.27 -42.46
N ALA B 28 14.07 -6.78 -41.40
CA ALA B 28 13.97 -5.36 -41.18
C ALA B 28 15.34 -4.67 -41.08
N VAL B 29 16.28 -5.26 -40.33
CA VAL B 29 17.58 -4.62 -40.14
C VAL B 29 18.42 -4.62 -41.42
N GLN B 30 18.26 -5.68 -42.23
CA GLN B 30 18.93 -5.76 -43.54
C GLN B 30 18.39 -4.70 -44.50
N ARG B 31 17.06 -4.63 -44.59
CA ARG B 31 16.36 -3.61 -45.38
C ARG B 31 16.83 -2.22 -44.99
N PHE B 32 17.01 -2.00 -43.68
CA PHE B 32 17.44 -0.71 -43.17
C PHE B 32 18.92 -0.44 -43.53
N ARG B 33 19.79 -1.37 -43.16
CA ARG B 33 21.24 -1.25 -43.42
C ARG B 33 21.56 -1.02 -44.89
N LEU B 34 20.78 -1.64 -45.78
CA LEU B 34 20.89 -1.35 -47.21
C LEU B 34 20.62 0.14 -47.51
N GLN B 35 19.55 0.68 -46.94
CA GLN B 35 19.21 2.10 -47.13
C GLN B 35 20.16 3.05 -46.41
N ASN B 36 20.88 2.54 -45.41
CA ASN B 36 21.70 3.38 -44.55
C ASN B 36 23.07 2.76 -44.31
N PRO B 37 23.83 2.56 -45.39
CA PRO B 37 25.12 1.89 -45.26
C PRO B 37 26.18 2.78 -44.60
N ASP B 38 26.02 4.10 -44.69
CA ASP B 38 26.96 5.05 -44.08
C ASP B 38 26.74 5.28 -42.57
N LEU B 39 25.64 4.79 -42.02
CA LEU B 39 25.34 4.97 -40.61
C LEU B 39 26.43 4.32 -39.75
N ASP B 40 27.01 5.11 -38.85
CA ASP B 40 27.97 4.62 -37.85
C ASP B 40 27.21 3.98 -36.67
N SER B 41 26.97 2.68 -36.79
CA SER B 41 26.25 1.91 -35.78
C SER B 41 26.96 1.87 -34.43
N GLU B 42 28.26 1.60 -34.47
CA GLU B 42 29.03 1.36 -33.23
C GLU B 42 29.02 2.62 -32.33
N ALA B 43 29.18 3.79 -32.97
CA ALA B 43 29.07 5.09 -32.28
C ALA B 43 27.71 5.30 -31.63
N LEU B 44 26.66 4.89 -32.36
CA LEU B 44 25.28 5.01 -31.90
C LEU B 44 24.99 4.03 -30.76
N LEU B 45 25.34 2.76 -30.95
CA LEU B 45 25.10 1.75 -29.93
C LEU B 45 25.83 2.01 -28.59
N THR B 46 26.97 2.70 -28.64
CA THR B 46 27.76 2.96 -27.42
C THR B 46 27.41 4.31 -26.77
N LEU B 47 26.57 5.09 -27.44
CA LEU B 47 26.03 6.30 -26.82
C LEU B 47 25.35 5.94 -25.52
N PRO B 48 25.76 6.59 -24.43
CA PRO B 48 24.92 6.49 -23.25
C PRO B 48 23.51 7.01 -23.53
N LEU B 49 22.53 6.48 -22.80
CA LEU B 49 21.11 6.73 -23.07
C LEU B 49 20.75 8.20 -22.98
N LEU B 50 21.38 8.93 -22.07
CA LEU B 50 21.10 10.36 -21.94
C LEU B 50 21.41 11.11 -23.24
N GLN B 51 22.52 10.73 -23.85
CA GLN B 51 23.01 11.38 -25.04
C GLN B 51 22.24 10.90 -26.24
N LEU B 52 21.86 9.63 -26.22
CA LEU B 52 20.97 9.08 -27.23
C LEU B 52 19.67 9.88 -27.26
N VAL B 53 19.06 10.06 -26.09
CA VAL B 53 17.78 10.77 -25.98
C VAL B 53 17.87 12.22 -26.45
N GLN B 54 18.96 12.89 -26.09
CA GLN B 54 19.15 14.29 -26.47
C GLN B 54 19.31 14.42 -28.00
N LYS B 55 19.99 13.46 -28.63
CA LYS B 55 20.19 13.45 -30.09
C LYS B 55 18.91 13.08 -30.82
N LEU B 56 18.13 12.17 -30.23
CA LEU B 56 16.77 11.89 -30.69
C LEU B 56 15.95 13.17 -30.68
N GLN B 57 16.04 13.88 -29.55
CA GLN B 57 15.22 15.06 -29.31
C GLN B 57 15.68 16.19 -30.22
N SER B 58 17.00 16.39 -30.33
CA SER B 58 17.55 17.42 -31.23
C SER B 58 17.19 17.16 -32.68
N GLY B 59 17.00 15.89 -33.05
CA GLY B 59 16.77 15.47 -34.44
C GLY B 59 18.04 15.01 -35.14
N GLU B 60 19.17 15.08 -34.44
CA GLU B 60 20.45 14.65 -34.97
C GLU B 60 20.43 13.18 -35.36
N LEU B 61 19.80 12.36 -34.54
CA LEU B 61 19.50 10.95 -34.88
C LEU B 61 18.00 10.76 -35.02
N SER B 62 17.58 10.15 -36.13
CA SER B 62 16.18 9.84 -36.34
C SER B 62 15.83 8.58 -35.55
N PRO B 63 14.54 8.39 -35.21
CA PRO B 63 14.15 7.18 -34.48
C PRO B 63 14.46 5.91 -35.27
N GLU B 64 14.16 5.93 -36.57
CA GLU B 64 14.49 4.83 -37.48
C GLU B 64 15.91 4.34 -37.26
N ALA B 65 16.85 5.30 -37.26
CA ALA B 65 18.28 5.00 -37.13
C ALA B 65 18.59 4.28 -35.81
N VAL B 66 18.20 4.87 -34.69
CA VAL B 66 18.49 4.26 -33.40
C VAL B 66 17.73 2.92 -33.22
N PHE B 67 16.49 2.88 -33.68
CA PHE B 67 15.68 1.67 -33.59
C PHE B 67 16.30 0.52 -34.34
N PHE B 68 16.42 0.64 -35.65
CA PHE B 68 16.90 -0.50 -36.44
C PHE B 68 18.33 -0.88 -36.15
N THR B 69 19.14 0.08 -35.66
CA THR B 69 20.49 -0.22 -35.17
C THR B 69 20.41 -1.10 -33.91
N TYR B 70 19.65 -0.64 -32.93
CA TYR B 70 19.45 -1.44 -31.71
C TYR B 70 18.83 -2.79 -32.01
N LEU B 71 17.89 -2.82 -32.97
CA LEU B 71 17.23 -4.06 -33.36
C LEU B 71 18.31 -4.99 -33.88
N GLY B 72 19.12 -4.44 -34.78
CA GLY B 72 20.30 -5.11 -35.32
C GLY B 72 21.13 -5.73 -34.22
N LYS B 73 21.54 -4.92 -33.25
CA LYS B 73 22.40 -5.40 -32.17
C LYS B 73 21.68 -6.46 -31.33
N ALA B 74 20.37 -6.29 -31.13
CA ALA B 74 19.58 -7.24 -30.32
C ALA B 74 19.58 -8.62 -30.97
N TRP B 75 19.27 -8.64 -32.26
CA TRP B 75 19.25 -9.88 -33.03
C TRP B 75 20.61 -10.58 -32.96
N GLU B 76 21.67 -9.78 -33.04
CA GLU B 76 23.03 -10.31 -33.07
C GLU B 76 23.42 -10.89 -31.74
N VAL B 77 23.28 -10.11 -30.67
CA VAL B 77 23.62 -10.61 -29.33
C VAL B 77 22.71 -11.77 -28.89
N ASN B 78 21.48 -11.79 -29.39
CA ASN B 78 20.58 -12.89 -29.08
C ASN B 78 21.06 -14.23 -29.59
N LYS B 79 21.84 -14.23 -30.67
CA LYS B 79 22.38 -15.47 -31.19
C LYS B 79 23.18 -16.14 -30.10
N GLY B 80 24.00 -15.36 -29.39
CA GLY B 80 24.82 -15.91 -28.31
C GLY B 80 24.13 -16.14 -26.97
N THR B 81 22.96 -15.56 -26.77
CA THR B 81 22.32 -15.52 -25.43
C THR B 81 20.90 -16.06 -25.33
N ASN B 82 20.13 -16.09 -26.40
CA ASN B 82 18.74 -16.54 -26.39
C ASN B 82 17.92 -15.80 -25.34
N CYS B 83 17.94 -14.46 -25.40
CA CYS B 83 17.22 -13.64 -24.44
C CYS B 83 15.95 -13.03 -25.01
N VAL B 84 15.81 -13.05 -26.34
CA VAL B 84 14.65 -12.47 -26.97
C VAL B 84 13.63 -13.54 -27.29
N THR B 85 12.42 -13.41 -26.76
CA THR B 85 11.37 -14.42 -26.98
C THR B 85 10.40 -13.99 -28.07
N SER B 86 10.25 -12.68 -28.24
CA SER B 86 9.34 -12.14 -29.24
C SER B 86 9.69 -10.74 -29.69
N TYR B 87 9.29 -10.41 -30.92
CA TYR B 87 9.45 -9.08 -31.50
C TYR B 87 8.08 -8.43 -31.45
N LEU B 88 7.99 -7.24 -30.89
CA LEU B 88 6.71 -6.69 -30.52
C LEU B 88 5.95 -6.06 -31.67
N THR B 89 4.79 -6.65 -31.94
CA THR B 89 3.84 -6.29 -33.00
C THR B 89 3.70 -4.77 -33.16
N ASP B 90 3.81 -4.36 -34.43
CA ASP B 90 3.77 -2.94 -34.85
C ASP B 90 4.47 -1.96 -33.90
N CYS B 91 5.61 -2.36 -33.35
CA CYS B 91 6.48 -1.39 -32.71
C CYS B 91 7.08 -0.46 -33.79
N GLU B 92 7.06 -0.91 -35.05
CA GLU B 92 7.48 -0.08 -36.19
C GLU B 92 6.44 0.98 -36.55
N THR B 93 5.16 0.67 -36.39
CA THR B 93 4.08 1.65 -36.51
C THR B 93 4.12 2.62 -35.31
N GLN B 94 4.49 2.09 -34.14
CA GLN B 94 4.69 2.90 -32.93
C GLN B 94 5.92 3.82 -33.10
N LEU B 95 6.96 3.29 -33.73
CA LEU B 95 8.17 4.07 -34.09
C LEU B 95 7.80 5.43 -34.73
N SER B 96 6.95 5.40 -35.75
CA SER B 96 6.56 6.63 -36.46
C SER B 96 5.44 7.43 -35.77
N GLN B 97 4.85 6.87 -34.71
CA GLN B 97 3.83 7.53 -33.89
C GLN B 97 4.45 8.25 -32.67
N ALA B 98 5.47 7.63 -32.09
CA ALA B 98 6.11 8.08 -30.83
C ALA B 98 5.97 9.58 -30.56
N PRO B 99 5.18 9.98 -29.54
CA PRO B 99 5.02 11.42 -29.26
C PRO B 99 6.36 12.15 -29.16
N ARG B 100 6.54 13.15 -30.03
CA ARG B 100 7.80 13.92 -30.17
C ARG B 100 8.25 14.62 -28.89
N GLN B 101 7.29 14.97 -28.05
CA GLN B 101 7.58 15.64 -26.78
C GLN B 101 7.98 14.66 -25.69
N GLY B 102 7.75 13.37 -25.90
CA GLY B 102 7.99 12.34 -24.91
C GLY B 102 9.40 12.28 -24.38
N LEU B 103 9.53 12.14 -23.06
CA LEU B 103 10.83 12.13 -22.41
C LEU B 103 11.74 10.99 -22.86
N LEU B 104 11.14 9.98 -23.49
CA LEU B 104 11.88 8.86 -24.06
C LEU B 104 11.60 8.76 -25.54
N TYR B 105 11.49 9.91 -26.20
CA TYR B 105 11.17 9.94 -27.63
C TYR B 105 12.16 9.11 -28.42
N GLY B 106 11.66 8.05 -29.04
CA GLY B 106 12.45 7.24 -29.99
C GLY B 106 13.39 6.23 -29.34
N VAL B 107 13.26 6.04 -28.03
CA VAL B 107 14.10 5.11 -27.31
C VAL B 107 13.51 3.71 -27.40
N PRO B 108 14.29 2.75 -27.98
CA PRO B 108 13.82 1.36 -27.96
C PRO B 108 13.91 0.82 -26.55
N VAL B 109 12.87 0.16 -26.07
CA VAL B 109 12.97 -0.49 -24.77
C VAL B 109 12.58 -1.95 -24.77
N SER B 110 13.34 -2.73 -24.01
CA SER B 110 13.09 -4.15 -23.90
C SER B 110 12.14 -4.38 -22.75
N LEU B 111 11.27 -5.37 -22.88
CA LEU B 111 10.33 -5.74 -21.82
C LEU B 111 10.52 -7.18 -21.40
N LYS B 112 10.59 -7.42 -20.09
CA LYS B 112 10.46 -8.77 -19.55
C LYS B 112 9.11 -9.27 -20.03
N GLU B 113 9.02 -10.58 -20.23
CA GLU B 113 7.86 -11.17 -20.92
C GLU B 113 6.51 -10.99 -20.20
N CYS B 114 6.57 -10.79 -18.89
CA CYS B 114 5.37 -10.64 -18.08
C CYS B 114 4.69 -9.28 -18.27
N PHE B 115 5.42 -8.31 -18.82
CA PHE B 115 4.84 -7.02 -19.17
C PHE B 115 3.95 -7.17 -20.41
N SER B 116 2.65 -7.28 -20.18
CA SER B 116 1.76 -7.69 -21.24
C SER B 116 1.70 -6.63 -22.33
N TYR B 117 1.51 -7.08 -23.55
CA TYR B 117 1.59 -6.24 -24.74
C TYR B 117 0.57 -6.70 -25.73
N LYS B 118 -0.18 -5.77 -26.32
CA LYS B 118 -1.30 -6.10 -27.16
C LYS B 118 -0.93 -7.12 -28.23
N GLY B 119 -1.69 -8.21 -28.28
CA GLY B 119 -1.53 -9.24 -29.28
C GLY B 119 -0.43 -10.23 -28.97
N HIS B 120 0.16 -10.18 -27.78
CA HIS B 120 1.26 -11.07 -27.42
C HIS B 120 0.99 -11.91 -26.21
N ASP B 121 1.44 -13.16 -26.27
CA ASP B 121 1.47 -14.01 -25.11
C ASP B 121 2.44 -13.41 -24.10
N SER B 122 2.13 -13.60 -22.83
CA SER B 122 3.09 -13.47 -21.75
C SER B 122 3.11 -14.85 -21.13
N THR B 123 3.87 -15.75 -21.74
CA THR B 123 3.84 -17.19 -21.40
C THR B 123 4.36 -17.47 -20.01
N LEU B 124 5.33 -16.68 -19.57
CA LEU B 124 6.13 -16.95 -18.36
C LEU B 124 6.84 -18.30 -18.45
N GLY B 125 7.03 -18.79 -19.67
CA GLY B 125 7.59 -20.13 -19.87
C GLY B 125 6.61 -21.24 -19.53
N LEU B 126 5.37 -20.86 -19.21
CA LEU B 126 4.33 -21.84 -18.88
C LEU B 126 3.52 -22.18 -20.12
N SER B 127 3.15 -23.45 -20.22
CA SER B 127 2.40 -23.94 -21.38
C SER B 127 0.97 -23.39 -21.35
N LEU B 128 0.38 -23.27 -20.17
CA LEU B 128 -1.02 -22.83 -20.09
C LEU B 128 -1.21 -21.35 -20.49
N ASN B 129 -0.11 -20.60 -20.54
CA ASN B 129 -0.15 -19.20 -20.95
C ASN B 129 0.24 -18.99 -22.41
N GLU B 130 0.52 -20.10 -23.11
CA GLU B 130 0.77 -20.08 -24.56
C GLU B 130 -0.55 -20.02 -25.33
N GLY B 131 -0.55 -19.26 -26.41
CA GLY B 131 -1.75 -19.01 -27.20
C GLY B 131 -2.82 -18.20 -26.48
N MET B 132 -2.40 -17.26 -25.64
CA MET B 132 -3.34 -16.43 -24.89
C MET B 132 -2.88 -14.98 -24.98
N PRO B 133 -2.88 -14.42 -26.19
CA PRO B 133 -2.36 -13.08 -26.39
C PRO B 133 -3.07 -12.06 -25.52
N SER B 134 -2.34 -11.13 -24.92
CA SER B 134 -2.98 -10.16 -24.04
C SER B 134 -3.81 -9.22 -24.91
N GLU B 135 -4.94 -8.77 -24.38
CA GLU B 135 -5.88 -7.96 -25.15
C GLU B 135 -5.54 -6.49 -25.13
N SER B 136 -4.50 -6.15 -24.37
CA SER B 136 -4.01 -4.78 -24.36
C SER B 136 -2.66 -4.66 -23.65
N ASP B 137 -1.98 -3.55 -23.92
CA ASP B 137 -0.74 -3.19 -23.21
C ASP B 137 -0.99 -2.99 -21.72
N CYS B 138 -0.08 -3.48 -20.89
CA CYS B 138 -0.09 -3.16 -19.47
C CYS B 138 0.17 -1.67 -19.32
N VAL B 139 -0.20 -1.12 -18.17
CA VAL B 139 -0.12 0.32 -17.90
C VAL B 139 1.28 0.92 -18.12
N VAL B 140 2.34 0.32 -17.60
CA VAL B 140 3.66 0.95 -17.78
C VAL B 140 4.12 0.89 -19.23
N VAL B 141 3.65 -0.10 -19.98
CA VAL B 141 3.87 -0.10 -21.43
C VAL B 141 3.14 1.07 -22.07
N GLN B 142 1.88 1.28 -21.70
CA GLN B 142 1.13 2.37 -22.26
C GLN B 142 1.88 3.68 -22.06
N VAL B 143 2.46 3.88 -20.87
CA VAL B 143 3.11 5.17 -20.57
C VAL B 143 4.45 5.31 -21.28
N LEU B 144 5.21 4.23 -21.34
CA LEU B 144 6.43 4.23 -22.13
C LEU B 144 6.10 4.75 -23.51
N LYS B 145 5.12 4.10 -24.15
CA LYS B 145 4.62 4.49 -25.46
C LYS B 145 4.18 5.94 -25.52
N LEU B 146 3.37 6.35 -24.53
CA LEU B 146 2.90 7.73 -24.41
C LEU B 146 4.03 8.72 -24.24
N GLN B 147 5.11 8.24 -23.63
CA GLN B 147 6.27 9.06 -23.35
C GLN B 147 7.31 8.96 -24.50
N GLY B 148 6.90 8.40 -25.65
CA GLY B 148 7.72 8.37 -26.86
C GLY B 148 8.57 7.12 -27.08
N ALA B 149 8.64 6.26 -26.07
CA ALA B 149 9.46 5.05 -26.17
C ALA B 149 8.81 4.06 -27.13
N VAL B 150 9.60 3.06 -27.52
CA VAL B 150 9.23 2.07 -28.50
C VAL B 150 9.59 0.70 -27.96
N PRO B 151 8.67 0.12 -27.18
CA PRO B 151 8.93 -1.24 -26.73
C PRO B 151 9.01 -2.12 -27.95
N PHE B 152 10.11 -2.88 -28.05
CA PHE B 152 10.40 -3.63 -29.27
C PHE B 152 10.54 -5.14 -29.09
N VAL B 153 10.97 -5.60 -27.92
CA VAL B 153 11.03 -7.05 -27.65
C VAL B 153 10.52 -7.47 -26.28
N HIS B 154 10.04 -8.71 -26.23
CA HIS B 154 9.84 -9.44 -24.99
C HIS B 154 11.07 -10.30 -24.73
N THR B 155 11.63 -10.17 -23.53
CA THR B 155 12.82 -10.92 -23.16
C THR B 155 12.48 -12.10 -22.24
N ASN B 156 13.29 -13.14 -22.36
CA ASN B 156 13.03 -14.43 -21.73
C ASN B 156 13.08 -14.34 -20.22
N VAL B 157 12.35 -15.24 -19.58
CA VAL B 157 12.27 -15.37 -18.14
C VAL B 157 12.35 -16.85 -17.82
N PRO B 158 12.77 -17.22 -16.60
CA PRO B 158 12.68 -18.60 -16.20
C PRO B 158 11.24 -18.99 -16.04
N GLN B 159 10.95 -20.28 -16.23
CA GLN B 159 9.59 -20.80 -16.12
C GLN B 159 8.94 -20.33 -14.81
N SER B 160 7.83 -19.61 -14.94
CA SER B 160 7.05 -19.05 -13.82
C SER B 160 7.72 -17.87 -13.10
N MET B 161 8.86 -17.42 -13.63
CA MET B 161 9.62 -16.31 -13.05
C MET B 161 10.03 -16.54 -11.61
N PHE B 162 10.08 -17.80 -11.17
CA PHE B 162 10.41 -18.09 -9.79
C PHE B 162 11.71 -18.90 -9.64
N SER B 163 12.67 -18.56 -10.49
CA SER B 163 14.06 -18.95 -10.34
C SER B 163 14.87 -17.70 -10.59
N TYR B 164 16.10 -17.66 -10.05
CA TYR B 164 17.03 -16.59 -10.45
C TYR B 164 18.06 -17.06 -11.47
N ASP B 165 17.66 -18.10 -12.21
CA ASP B 165 18.28 -18.50 -13.46
C ASP B 165 17.33 -18.01 -14.58
N CYS B 166 17.41 -18.56 -15.79
CA CYS B 166 16.59 -18.04 -16.87
C CYS B 166 16.37 -19.02 -18.01
N SER B 167 15.91 -20.22 -17.69
CA SER B 167 15.42 -21.14 -18.73
C SER B 167 13.94 -21.55 -18.52
N ASN B 168 13.29 -21.89 -19.63
CA ASN B 168 11.95 -22.43 -19.58
C ASN B 168 11.77 -23.36 -20.74
N PRO B 169 10.83 -24.31 -20.63
CA PRO B 169 10.70 -25.35 -21.64
C PRO B 169 10.14 -24.85 -22.96
N LEU B 170 9.59 -23.65 -22.97
CA LEU B 170 9.08 -23.05 -24.20
C LEU B 170 10.18 -22.50 -25.08
N PHE B 171 10.92 -21.51 -24.56
CA PHE B 171 11.94 -20.78 -25.33
C PHE B 171 13.36 -21.20 -24.99
N GLY B 172 13.49 -22.11 -24.03
CA GLY B 172 14.79 -22.65 -23.67
C GLY B 172 15.52 -21.78 -22.67
N GLN B 173 16.85 -21.85 -22.72
CA GLN B 173 17.69 -21.21 -21.68
C GLN B 173 18.49 -20.03 -22.22
N THR B 174 18.40 -18.94 -21.48
CA THR B 174 19.13 -17.71 -21.75
C THR B 174 20.49 -17.75 -21.04
N MET B 175 21.51 -17.23 -21.72
CA MET B 175 22.89 -17.30 -21.22
C MET B 175 23.47 -15.96 -20.89
N ASN B 176 24.42 -15.98 -19.98
CA ASN B 176 25.14 -14.78 -19.57
C ASN B 176 26.04 -14.38 -20.75
N PRO B 177 25.94 -13.12 -21.20
CA PRO B 177 26.70 -12.68 -22.36
C PRO B 177 28.21 -12.65 -22.11
N TRP B 178 28.61 -12.60 -20.85
CA TRP B 178 30.03 -12.58 -20.50
C TRP B 178 30.62 -13.99 -20.54
N LYS B 179 29.81 -15.01 -20.26
CA LYS B 179 30.30 -16.37 -20.22
C LYS B 179 29.18 -17.37 -20.35
N SER B 180 29.21 -18.16 -21.41
CA SER B 180 28.07 -19.01 -21.77
C SER B 180 27.68 -20.05 -20.76
N SER B 181 28.64 -20.44 -19.92
CA SER B 181 28.41 -21.44 -18.89
C SER B 181 27.75 -20.86 -17.64
N LYS B 182 27.63 -19.54 -17.60
CA LYS B 182 27.06 -18.84 -16.45
C LYS B 182 25.61 -18.44 -16.68
N SER B 183 24.87 -18.28 -15.59
CA SER B 183 23.49 -17.79 -15.65
C SER B 183 23.48 -16.27 -15.85
N PRO B 184 22.49 -15.76 -16.61
CA PRO B 184 22.34 -14.31 -16.68
C PRO B 184 21.61 -13.75 -15.45
N GLY B 185 21.28 -14.61 -14.51
CA GLY B 185 20.42 -14.26 -13.40
C GLY B 185 18.97 -14.35 -13.82
N GLY B 186 18.07 -14.01 -12.92
CA GLY B 186 16.65 -13.93 -13.25
C GLY B 186 15.83 -13.51 -12.04
N SER B 187 14.50 -13.44 -12.16
CA SER B 187 13.76 -13.81 -13.37
C SER B 187 13.95 -12.87 -14.56
N SER B 188 14.45 -11.65 -14.35
CA SER B 188 14.60 -10.71 -15.45
C SER B 188 15.91 -10.94 -16.22
N GLY B 189 16.15 -12.21 -16.56
CA GLY B 189 17.43 -12.65 -17.13
C GLY B 189 17.60 -12.29 -18.60
N GLY B 190 16.52 -12.40 -19.35
CA GLY B 190 16.51 -11.92 -20.74
C GLY B 190 16.97 -10.48 -20.83
N GLU B 191 16.35 -9.63 -20.01
CA GLU B 191 16.73 -8.22 -19.89
C GLU B 191 18.20 -8.03 -19.58
N GLY B 192 18.67 -8.75 -18.57
CA GLY B 192 20.07 -8.67 -18.17
C GLY B 192 21.01 -8.99 -19.32
N ALA B 193 20.78 -10.12 -19.99
CA ALA B 193 21.63 -10.55 -21.10
C ALA B 193 21.58 -9.58 -22.27
N LEU B 194 20.39 -9.09 -22.58
CA LEU B 194 20.20 -8.16 -23.70
C LEU B 194 20.87 -6.81 -23.47
N ILE B 195 20.54 -6.20 -22.34
CA ILE B 195 21.06 -4.87 -22.00
C ILE B 195 22.56 -4.93 -21.71
N GLY B 196 22.97 -6.04 -21.12
CA GLY B 196 24.36 -6.25 -20.75
C GLY B 196 25.27 -6.59 -21.89
N SER B 197 24.70 -6.87 -23.05
CA SER B 197 25.50 -7.10 -24.26
C SER B 197 25.34 -5.95 -25.28
N GLY B 198 24.62 -4.89 -24.88
CA GLY B 198 24.44 -3.71 -25.72
C GLY B 198 23.22 -3.73 -26.65
N GLY B 199 22.35 -4.73 -26.49
CA GLY B 199 21.20 -4.92 -27.38
C GLY B 199 19.98 -4.06 -27.09
N SER B 200 19.95 -3.42 -25.92
CA SER B 200 18.87 -2.54 -25.52
C SER B 200 19.37 -1.51 -24.52
N PRO B 201 18.98 -0.24 -24.69
CA PRO B 201 19.51 0.79 -23.83
C PRO B 201 18.80 0.84 -22.48
N LEU B 202 17.60 0.27 -22.46
CA LEU B 202 16.71 0.40 -21.32
C LEU B 202 15.65 -0.68 -21.38
N GLY B 203 15.49 -1.39 -20.29
CA GLY B 203 14.47 -2.40 -20.19
C GLY B 203 13.78 -2.35 -18.86
N LEU B 204 12.73 -3.14 -18.72
CA LEU B 204 11.93 -3.19 -17.53
C LEU B 204 11.88 -4.62 -17.03
N GLY B 205 12.20 -4.81 -15.77
CA GLY B 205 12.04 -6.12 -15.14
C GLY B 205 11.11 -6.04 -13.95
N THR B 206 10.94 -7.16 -13.26
CA THR B 206 10.18 -7.19 -12.02
C THR B 206 11.02 -7.90 -11.01
N ASP B 207 10.61 -7.78 -9.75
CA ASP B 207 11.42 -8.20 -8.62
C ASP B 207 10.52 -8.37 -7.41
N ILE B 208 10.35 -9.62 -6.98
CA ILE B 208 9.66 -9.96 -5.73
C ILE B 208 10.64 -10.58 -4.72
N GLY B 209 11.79 -11.04 -5.20
CA GLY B 209 12.81 -11.64 -4.34
C GLY B 209 14.23 -11.34 -4.78
N GLY B 210 14.41 -10.36 -5.68
CA GLY B 210 15.73 -10.04 -6.25
C GLY B 210 15.83 -10.12 -7.79
N SER B 211 14.70 -10.26 -8.45
CA SER B 211 14.66 -10.58 -9.87
C SER B 211 15.02 -9.46 -10.83
N ILE B 212 15.17 -8.24 -10.32
CA ILE B 212 15.76 -7.17 -11.10
C ILE B 212 17.25 -7.16 -10.79
N ARG B 213 17.58 -7.47 -9.54
CA ARG B 213 18.91 -7.24 -9.00
C ARG B 213 19.88 -8.36 -9.31
N PHE B 214 19.38 -9.59 -9.37
CA PHE B 214 20.20 -10.72 -9.74
C PHE B 214 20.70 -10.57 -11.17
N PRO B 215 19.78 -10.40 -12.15
CA PRO B 215 20.30 -10.33 -13.51
C PRO B 215 21.15 -9.08 -13.76
N SER B 216 20.78 -7.96 -13.14
CA SER B 216 21.55 -6.74 -13.32
C SER B 216 22.98 -6.95 -12.83
N ALA B 217 23.12 -7.61 -11.69
CA ALA B 217 24.41 -7.85 -11.08
C ALA B 217 25.20 -8.91 -11.85
N PHE B 218 24.52 -9.99 -12.21
CA PHE B 218 25.16 -11.12 -12.90
C PHE B 218 25.66 -10.69 -14.28
N CYS B 219 24.90 -9.81 -14.93
CA CYS B 219 25.23 -9.34 -16.29
C CYS B 219 25.93 -7.98 -16.30
N GLY B 220 26.21 -7.44 -15.12
CA GLY B 220 26.99 -6.21 -15.00
C GLY B 220 26.33 -4.96 -15.51
N ILE B 221 25.03 -4.83 -15.28
CA ILE B 221 24.31 -3.61 -15.61
C ILE B 221 23.72 -3.05 -14.31
N CYS B 222 23.01 -1.94 -14.37
CA CYS B 222 22.29 -1.41 -13.21
C CYS B 222 20.83 -1.64 -13.31
N GLY B 223 20.24 -1.79 -12.14
CA GLY B 223 18.81 -1.99 -12.02
C GLY B 223 18.33 -1.55 -10.64
N LEU B 224 17.06 -1.15 -10.61
CA LEU B 224 16.46 -0.62 -9.39
C LEU B 224 15.15 -1.34 -9.15
N LYS B 225 14.96 -1.84 -7.94
CA LYS B 225 13.68 -2.33 -7.48
C LYS B 225 13.10 -1.26 -6.57
N PRO B 226 12.20 -0.41 -7.10
CA PRO B 226 11.55 0.58 -6.26
C PRO B 226 10.67 -0.02 -5.17
N THR B 227 10.04 0.87 -4.41
CA THR B 227 9.03 0.51 -3.45
C THR B 227 7.89 -0.12 -4.25
N GLY B 228 7.37 -1.24 -3.76
CA GLY B 228 6.34 -2.01 -4.48
C GLY B 228 5.39 -1.15 -5.29
N ASN B 229 4.65 -0.29 -4.61
CA ASN B 229 3.57 0.46 -5.23
C ASN B 229 3.99 1.85 -5.72
N ARG B 230 5.26 2.04 -6.06
CA ARG B 230 5.72 3.29 -6.64
C ARG B 230 5.31 3.33 -8.09
N LEU B 231 5.28 2.15 -8.72
CA LEU B 231 4.86 2.00 -10.11
C LEU B 231 3.71 1.01 -10.25
N SER B 232 2.97 1.16 -11.35
CA SER B 232 1.76 0.37 -11.53
C SER B 232 2.07 -1.01 -12.04
N LYS B 233 1.59 -1.99 -11.30
CA LYS B 233 1.65 -3.41 -11.66
C LYS B 233 0.42 -3.79 -12.51
N SER B 234 -0.36 -2.81 -12.98
CA SER B 234 -1.57 -3.12 -13.71
C SER B 234 -1.22 -3.70 -15.08
N GLY B 235 -1.90 -4.80 -15.43
CA GLY B 235 -1.64 -5.57 -16.64
C GLY B 235 -0.44 -6.50 -16.63
N LEU B 236 0.27 -6.62 -15.51
CA LEU B 236 1.38 -7.57 -15.42
C LEU B 236 0.90 -8.99 -15.31
N LYS B 237 1.52 -9.88 -16.07
CA LYS B 237 1.21 -11.29 -15.99
C LYS B 237 2.09 -11.92 -14.89
N GLY B 238 1.48 -12.66 -13.97
CA GLY B 238 2.22 -13.39 -12.94
C GLY B 238 1.53 -14.73 -12.80
N CYS B 239 1.98 -15.58 -11.88
CA CYS B 239 1.21 -16.80 -11.63
C CYS B 239 0.60 -16.95 -10.26
N VAL B 240 0.78 -15.98 -9.37
CA VAL B 240 -0.05 -15.91 -8.16
C VAL B 240 -0.59 -14.51 -7.97
N TYR B 241 -1.90 -14.37 -7.94
CA TYR B 241 -2.53 -13.06 -7.72
C TYR B 241 -3.07 -12.99 -6.28
N GLY B 242 -2.97 -11.81 -5.67
CA GLY B 242 -3.53 -11.55 -4.35
C GLY B 242 -2.66 -11.82 -3.13
N GLN B 243 -1.42 -12.23 -3.37
CA GLN B 243 -0.41 -12.36 -2.32
C GLN B 243 0.15 -10.97 -2.09
N THR B 244 -0.19 -10.35 -0.97
CA THR B 244 0.21 -8.95 -0.71
C THR B 244 1.25 -8.79 0.41
N ALA B 245 1.66 -9.90 1.02
CA ALA B 245 2.60 -9.85 2.15
C ALA B 245 3.98 -9.44 1.68
N VAL B 246 4.46 -10.06 0.62
CA VAL B 246 5.68 -9.65 -0.06
C VAL B 246 5.30 -9.07 -1.42
N GLN B 247 5.47 -7.76 -1.53
CA GLN B 247 5.08 -6.95 -2.68
C GLN B 247 5.93 -7.27 -3.89
N LEU B 248 5.28 -7.41 -5.02
CA LEU B 248 5.99 -7.50 -6.28
C LEU B 248 6.29 -6.07 -6.71
N SER B 249 7.54 -5.83 -7.08
CA SER B 249 7.97 -4.52 -7.51
C SER B 249 8.43 -4.63 -8.95
N LEU B 250 8.22 -3.59 -9.74
CA LEU B 250 8.77 -3.55 -11.08
C LEU B 250 9.66 -2.32 -11.20
N GLY B 251 10.57 -2.35 -12.17
CA GLY B 251 11.53 -1.28 -12.31
C GLY B 251 12.46 -1.37 -13.49
N PRO B 252 13.36 -0.38 -13.60
CA PRO B 252 14.18 -0.25 -14.79
C PRO B 252 15.49 -0.98 -14.67
N MET B 253 15.99 -1.47 -15.80
CA MET B 253 17.35 -2.02 -15.89
C MET B 253 18.01 -1.32 -17.06
N ALA B 254 19.31 -1.04 -16.93
CA ALA B 254 20.00 -0.19 -17.90
C ALA B 254 21.50 -0.17 -17.71
N ARG B 255 22.21 0.40 -18.66
CA ARG B 255 23.67 0.34 -18.62
C ARG B 255 24.29 1.32 -17.62
N ASP B 256 23.63 2.43 -17.30
CA ASP B 256 24.13 3.37 -16.27
C ASP B 256 22.99 3.76 -15.36
N VAL B 257 23.29 4.35 -14.21
CA VAL B 257 22.22 4.67 -13.26
C VAL B 257 21.44 5.92 -13.69
N GLU B 258 22.06 6.77 -14.48
CA GLU B 258 21.34 7.90 -15.10
C GLU B 258 20.11 7.44 -15.86
N SER B 259 20.24 6.29 -16.50
CA SER B 259 19.17 5.71 -17.29
C SER B 259 18.03 5.25 -16.42
N LEU B 260 18.37 4.69 -15.28
CA LEU B 260 17.34 4.26 -14.34
C LEU B 260 16.55 5.49 -13.90
N ALA B 261 17.26 6.59 -13.62
CA ALA B 261 16.62 7.84 -13.18
C ALA B 261 15.69 8.41 -14.25
N LEU B 262 16.17 8.36 -15.49
CA LEU B 262 15.42 8.89 -16.62
C LEU B 262 14.14 8.12 -16.78
N CYS B 263 14.25 6.81 -16.60
CA CYS B 263 13.13 5.91 -16.78
C CYS B 263 12.10 6.17 -15.71
N LEU B 264 12.53 6.25 -14.46
CA LEU B 264 11.59 6.64 -13.41
C LEU B 264 10.97 8.02 -13.68
N LYS B 265 11.81 9.01 -14.03
CA LYS B 265 11.32 10.37 -14.29
C LYS B 265 10.22 10.33 -15.34
N ALA B 266 10.42 9.48 -16.34
CA ALA B 266 9.50 9.33 -17.46
C ALA B 266 8.21 8.61 -17.08
N LEU B 267 8.35 7.56 -16.30
CA LEU B 267 7.21 6.76 -15.86
C LEU B 267 6.32 7.47 -14.83
N LEU B 268 6.92 8.27 -13.97
CA LEU B 268 6.21 8.90 -12.85
C LEU B 268 5.64 10.24 -13.27
N CYS B 269 4.50 10.20 -13.98
CA CYS B 269 3.87 11.40 -14.54
C CYS B 269 2.36 11.21 -14.67
N GLU B 270 1.66 12.26 -15.08
CA GLU B 270 0.20 12.22 -15.10
C GLU B 270 -0.37 11.03 -15.86
N HIS B 271 0.28 10.63 -16.95
CA HIS B 271 -0.17 9.45 -17.70
C HIS B 271 -0.31 8.22 -16.79
N LEU B 272 0.73 7.90 -16.02
CA LEU B 272 0.69 6.72 -15.16
C LEU B 272 -0.34 6.89 -14.04
N PHE B 273 -0.29 8.03 -13.40
CA PHE B 273 -1.13 8.28 -12.23
C PHE B 273 -2.61 8.27 -12.62
N THR B 274 -2.91 8.75 -13.84
CA THR B 274 -4.25 8.67 -14.43
C THR B 274 -4.65 7.25 -14.78
N LEU B 275 -3.79 6.56 -15.51
CA LEU B 275 -4.13 5.22 -15.98
C LEU B 275 -4.30 4.29 -14.80
N ASP B 276 -3.56 4.53 -13.72
CA ASP B 276 -3.69 3.73 -12.51
C ASP B 276 -3.71 4.62 -11.23
N PRO B 277 -4.90 5.10 -10.84
CA PRO B 277 -5.02 5.96 -9.65
C PRO B 277 -4.62 5.29 -8.34
N THR B 278 -4.44 3.98 -8.34
CA THR B 278 -4.09 3.26 -7.12
C THR B 278 -2.64 3.48 -6.75
N VAL B 279 -1.84 3.94 -7.71
CA VAL B 279 -0.48 4.32 -7.47
C VAL B 279 -0.49 5.71 -6.85
N PRO B 280 0.28 5.91 -5.78
CA PRO B 280 0.40 7.25 -5.22
C PRO B 280 1.09 8.18 -6.19
N PRO B 281 0.50 9.36 -6.43
CA PRO B 281 1.04 10.26 -7.46
C PRO B 281 2.27 11.00 -6.95
N LEU B 282 3.38 10.28 -6.82
CA LEU B 282 4.64 10.82 -6.30
C LEU B 282 5.55 11.10 -7.47
N PRO B 283 5.74 12.37 -7.79
CA PRO B 283 6.54 12.66 -8.98
C PRO B 283 8.00 12.37 -8.68
N PHE B 284 8.80 12.20 -9.72
CA PHE B 284 10.23 11.97 -9.53
C PHE B 284 10.89 13.27 -9.08
N ARG B 285 11.46 13.24 -7.88
CA ARG B 285 12.07 14.44 -7.31
C ARG B 285 13.56 14.50 -7.67
N GLU B 286 13.80 15.16 -8.80
CA GLU B 286 15.15 15.29 -9.37
C GLU B 286 16.14 15.90 -8.39
N GLU B 287 15.75 16.96 -7.69
CA GLU B 287 16.66 17.66 -6.78
C GLU B 287 17.28 16.70 -5.75
N VAL B 288 16.50 15.69 -5.34
CA VAL B 288 16.98 14.66 -4.41
C VAL B 288 17.93 13.72 -5.12
N TYR B 289 17.58 13.34 -6.35
CA TYR B 289 18.44 12.49 -7.16
C TYR B 289 19.75 13.17 -7.47
N ARG B 290 19.71 14.47 -7.75
CA ARG B 290 20.89 15.23 -8.17
C ARG B 290 21.70 15.81 -7.03
N SER B 291 21.19 15.68 -5.81
CA SER B 291 21.91 16.15 -4.62
C SER B 291 23.34 15.65 -4.61
N SER B 292 24.27 16.50 -4.21
CA SER B 292 25.64 16.04 -4.03
C SER B 292 26.09 16.31 -2.60
N ARG B 293 25.16 16.21 -1.66
CA ARG B 293 25.47 16.31 -0.23
C ARG B 293 26.01 15.00 0.34
N PRO B 294 26.81 15.09 1.42
CA PRO B 294 27.26 13.87 2.05
C PRO B 294 26.12 12.97 2.53
N LEU B 295 26.45 11.68 2.65
CA LEU B 295 25.50 10.65 3.04
C LEU B 295 26.03 9.92 4.23
N ARG B 296 25.14 9.68 5.19
CA ARG B 296 25.39 8.70 6.22
C ARG B 296 25.00 7.36 5.60
N VAL B 297 26.00 6.50 5.41
CA VAL B 297 25.84 5.27 4.68
C VAL B 297 26.04 4.09 5.62
N GLY B 298 24.94 3.47 5.98
CA GLY B 298 25.00 2.20 6.69
C GLY B 298 25.64 1.19 5.76
N TYR B 299 26.41 0.27 6.34
CA TYR B 299 26.99 -0.78 5.54
C TYR B 299 27.14 -2.05 6.34
N TYR B 300 26.98 -3.18 5.64
CA TYR B 300 27.43 -4.46 6.16
C TYR B 300 28.17 -5.23 5.07
N GLU B 301 29.12 -6.03 5.48
CA GLU B 301 29.98 -6.78 4.57
C GLU B 301 29.47 -8.22 4.35
N THR B 302 28.57 -8.67 5.20
CA THR B 302 27.99 -10.00 5.14
C THR B 302 26.68 -9.94 5.87
N ASP B 303 25.72 -10.81 5.52
CA ASP B 303 24.45 -10.83 6.24
C ASP B 303 24.36 -12.01 7.20
N ASN B 304 25.51 -12.64 7.47
CA ASN B 304 25.61 -13.89 8.26
C ASN B 304 24.61 -14.96 7.86
N TYR B 305 24.21 -14.96 6.59
CA TYR B 305 23.29 -15.96 6.09
C TYR B 305 23.95 -16.62 4.90
N THR B 306 24.23 -15.81 3.89
CA THR B 306 24.94 -16.26 2.70
C THR B 306 26.32 -15.63 2.74
N MET B 307 27.32 -16.43 3.07
CA MET B 307 28.68 -15.94 3.09
C MET B 307 29.01 -15.36 1.72
N PRO B 308 29.51 -14.12 1.69
CA PRO B 308 29.83 -13.52 0.42
C PRO B 308 31.01 -14.16 -0.27
N SER B 309 31.02 -14.09 -1.60
CA SER B 309 32.15 -14.53 -2.38
C SER B 309 33.24 -13.55 -2.06
N PRO B 310 34.51 -13.97 -2.15
CA PRO B 310 35.59 -13.01 -1.97
C PRO B 310 35.38 -11.76 -2.83
N ALA B 311 34.98 -11.97 -4.09
CA ALA B 311 34.67 -10.88 -5.00
C ALA B 311 33.68 -9.85 -4.42
N MET B 312 32.59 -10.35 -3.82
CA MET B 312 31.58 -9.50 -3.18
C MET B 312 32.16 -8.73 -2.02
N ARG B 313 32.87 -9.43 -1.15
CA ARG B 313 33.47 -8.81 -0.01
C ARG B 313 34.33 -7.64 -0.44
N ARG B 314 35.22 -7.89 -1.41
CA ARG B 314 36.14 -6.87 -1.91
C ARG B 314 35.36 -5.72 -2.53
N ALA B 315 34.37 -6.05 -3.35
CA ALA B 315 33.51 -5.05 -3.98
C ALA B 315 32.88 -4.16 -2.92
N LEU B 316 32.37 -4.76 -1.86
CA LEU B 316 31.75 -3.98 -0.82
C LEU B 316 32.78 -3.10 -0.10
N ILE B 317 33.82 -3.73 0.44
CA ILE B 317 34.87 -3.01 1.16
C ILE B 317 35.44 -1.87 0.31
N GLU B 318 35.69 -2.14 -0.97
CA GLU B 318 36.31 -1.15 -1.85
C GLU B 318 35.41 0.07 -2.06
N THR B 319 34.11 -0.15 -2.31
CA THR B 319 33.17 0.98 -2.50
C THR B 319 32.93 1.68 -1.16
N LYS B 320 33.06 0.95 -0.04
CA LYS B 320 33.02 1.58 1.28
C LYS B 320 34.12 2.62 1.40
N GLN B 321 35.35 2.19 1.16
CA GLN B 321 36.53 3.05 1.30
C GLN B 321 36.49 4.23 0.36
N ARG B 322 36.02 4.01 -0.87
CA ARG B 322 35.92 5.10 -1.86
C ARG B 322 34.84 6.10 -1.46
N LEU B 323 33.72 5.61 -0.91
CA LEU B 323 32.67 6.48 -0.37
C LEU B 323 33.18 7.30 0.81
N GLU B 324 33.94 6.67 1.70
CA GLU B 324 34.56 7.37 2.82
C GLU B 324 35.52 8.46 2.35
N ALA B 325 36.39 8.09 1.41
CA ALA B 325 37.33 9.01 0.75
C ALA B 325 36.61 10.18 0.10
N ALA B 326 35.40 9.94 -0.40
CA ALA B 326 34.57 11.00 -0.98
C ALA B 326 33.80 11.80 0.10
N GLY B 327 34.14 11.57 1.36
CA GLY B 327 33.63 12.38 2.47
C GLY B 327 32.27 12.00 2.96
N HIS B 328 31.88 10.75 2.73
CA HIS B 328 30.63 10.19 3.26
C HIS B 328 30.97 9.39 4.52
N THR B 329 30.06 9.40 5.48
CA THR B 329 30.25 8.67 6.72
C THR B 329 29.65 7.28 6.59
N LEU B 330 30.46 6.27 6.91
CA LEU B 330 30.07 4.88 6.76
C LEU B 330 29.87 4.28 8.14
N ILE B 331 28.68 3.79 8.40
CA ILE B 331 28.34 3.25 9.71
C ILE B 331 28.02 1.77 9.62
N PRO B 332 28.71 0.94 10.42
CA PRO B 332 28.30 -0.46 10.52
C PRO B 332 26.83 -0.63 10.94
N PHE B 333 26.08 -1.32 10.12
CA PHE B 333 24.67 -1.45 10.34
C PHE B 333 24.19 -2.73 9.68
N LEU B 334 23.43 -3.52 10.44
CA LEU B 334 22.86 -4.75 9.98
C LEU B 334 21.42 -4.86 10.46
N PRO B 335 20.46 -4.97 9.53
CA PRO B 335 19.08 -5.10 9.98
C PRO B 335 18.89 -6.31 10.89
N ASN B 336 18.15 -6.09 11.95
CA ASN B 336 17.92 -7.10 12.97
C ASN B 336 17.21 -8.30 12.40
N ASN B 337 17.48 -9.45 13.01
CA ASN B 337 16.73 -10.69 12.77
C ASN B 337 16.54 -11.00 11.30
N ILE B 338 17.62 -10.98 10.53
CA ILE B 338 17.52 -11.35 9.11
C ILE B 338 17.00 -12.79 8.96
N PRO B 339 17.59 -13.74 9.69
CA PRO B 339 17.05 -15.11 9.61
C PRO B 339 15.53 -15.17 9.73
N TYR B 340 14.98 -14.49 10.72
CA TYR B 340 13.53 -14.43 10.92
C TYR B 340 12.82 -13.86 9.66
N ALA B 341 13.28 -12.71 9.22
CA ALA B 341 12.72 -12.02 8.04
C ALA B 341 12.76 -12.89 6.78
N LEU B 342 13.79 -13.72 6.67
CA LEU B 342 13.96 -14.56 5.50
C LEU B 342 13.20 -15.88 5.64
N GLU B 343 13.49 -16.61 6.71
CA GLU B 343 13.00 -17.98 6.85
C GLU B 343 11.49 -18.07 7.16
N VAL B 344 10.96 -17.14 7.97
CA VAL B 344 9.52 -17.18 8.30
C VAL B 344 8.75 -16.07 7.57
N LEU B 345 9.21 -14.83 7.64
CA LEU B 345 8.45 -13.74 7.01
C LEU B 345 8.42 -13.81 5.49
N SER B 346 9.56 -14.02 4.86
CA SER B 346 9.63 -14.04 3.41
C SER B 346 9.06 -15.31 2.80
N THR B 347 9.53 -16.45 3.28
CA THR B 347 9.07 -17.74 2.78
C THR B 347 7.56 -17.90 3.03
N GLY B 348 7.13 -17.49 4.22
CA GLY B 348 5.73 -17.57 4.58
C GLY B 348 4.85 -16.59 3.84
N GLY B 349 5.40 -15.45 3.49
CA GLY B 349 4.65 -14.45 2.72
C GLY B 349 4.44 -14.89 1.27
N LEU B 350 5.50 -15.47 0.71
CA LEU B 350 5.51 -15.99 -0.65
C LEU B 350 4.75 -17.30 -0.80
N PHE B 351 4.74 -18.12 0.26
CA PHE B 351 4.09 -19.45 0.20
C PHE B 351 3.04 -19.65 1.30
N SER B 352 2.37 -18.55 1.66
CA SER B 352 1.31 -18.58 2.65
C SER B 352 0.32 -19.77 2.44
N ASP B 353 0.07 -20.13 1.18
CA ASP B 353 -0.86 -21.22 0.84
C ASP B 353 -0.20 -22.59 0.53
N GLY B 354 1.01 -22.82 1.03
CA GLY B 354 1.75 -24.05 0.73
C GLY B 354 2.32 -24.14 -0.68
N GLY B 355 2.13 -23.07 -1.46
CA GLY B 355 2.50 -23.01 -2.86
C GLY B 355 1.43 -23.51 -3.82
N ARG B 356 0.23 -23.75 -3.32
CA ARG B 356 -0.81 -24.42 -4.11
C ARG B 356 -1.24 -23.59 -5.33
N SER B 357 -1.44 -22.29 -5.15
CA SER B 357 -1.83 -21.40 -6.26
C SER B 357 -0.76 -21.37 -7.33
N PHE B 358 0.49 -21.28 -6.88
CA PHE B 358 1.66 -21.34 -7.75
C PHE B 358 1.73 -22.66 -8.54
N LEU B 359 1.54 -23.77 -7.82
CA LEU B 359 1.64 -25.12 -8.39
C LEU B 359 0.60 -25.39 -9.47
N GLN B 360 -0.51 -24.66 -9.43
CA GLN B 360 -1.58 -24.78 -10.42
C GLN B 360 -1.07 -24.54 -11.85
N ASN B 361 -0.07 -23.68 -11.98
CA ASN B 361 0.46 -23.31 -13.29
C ASN B 361 1.31 -24.42 -13.93
N PHE B 362 1.70 -25.40 -13.13
CA PHE B 362 2.57 -26.46 -13.61
C PHE B 362 1.78 -27.73 -13.95
N LYS B 363 0.48 -27.75 -13.66
CA LYS B 363 -0.30 -28.95 -13.96
C LYS B 363 -0.21 -29.21 -15.45
N GLY B 364 0.29 -30.41 -15.78
CA GLY B 364 0.42 -30.87 -17.17
C GLY B 364 1.69 -30.44 -17.87
N ASP B 365 2.36 -29.44 -17.31
CA ASP B 365 3.50 -28.79 -17.92
C ASP B 365 4.77 -29.48 -17.48
N PHE B 366 5.82 -29.39 -18.31
CA PHE B 366 7.17 -29.76 -17.87
C PHE B 366 7.63 -28.79 -16.79
N VAL B 367 8.50 -29.26 -15.91
CA VAL B 367 9.13 -28.38 -14.93
C VAL B 367 10.61 -28.23 -15.28
N ASP B 368 11.00 -27.00 -15.59
CA ASP B 368 12.34 -26.73 -16.05
C ASP B 368 13.34 -27.08 -14.94
N PRO B 369 14.50 -27.66 -15.31
CA PRO B 369 15.56 -27.93 -14.34
C PRO B 369 16.03 -26.74 -13.48
N CYS B 370 15.97 -25.53 -14.01
CA CYS B 370 16.51 -24.39 -13.29
C CYS B 370 15.62 -23.93 -12.12
N LEU B 371 14.43 -24.50 -12.04
CA LEU B 371 13.62 -24.39 -10.83
C LEU B 371 14.13 -25.30 -9.71
N GLY B 372 15.01 -26.25 -10.03
CA GLY B 372 15.50 -27.21 -9.05
C GLY B 372 14.38 -28.10 -8.52
N ASP B 373 14.43 -28.42 -7.24
CA ASP B 373 13.42 -29.26 -6.62
C ASP B 373 12.26 -28.47 -6.02
N LEU B 374 12.16 -27.19 -6.38
CA LEU B 374 11.14 -26.32 -5.80
C LEU B 374 9.75 -26.89 -5.96
N ILE B 375 9.41 -27.30 -7.18
CA ILE B 375 8.07 -27.79 -7.45
C ILE B 375 7.84 -29.10 -6.71
N LEU B 376 8.84 -30.00 -6.75
CA LEU B 376 8.76 -31.26 -6.03
C LEU B 376 8.48 -31.02 -4.54
N ILE B 377 9.10 -29.98 -3.99
CA ILE B 377 9.05 -29.67 -2.57
C ILE B 377 7.72 -29.04 -2.16
N LEU B 378 7.28 -28.04 -2.91
CA LEU B 378 5.99 -27.40 -2.68
C LEU B 378 4.83 -28.40 -2.74
N ARG B 379 4.98 -29.38 -3.63
CA ARG B 379 3.99 -30.45 -3.81
C ARG B 379 3.93 -31.39 -2.64
N LEU B 380 4.97 -31.44 -1.82
CA LEU B 380 4.93 -32.29 -0.64
C LEU B 380 3.75 -31.87 0.24
N PRO B 381 3.08 -32.85 0.89
CA PRO B 381 1.94 -32.51 1.74
C PRO B 381 2.38 -31.78 3.01
N SER B 382 1.46 -31.04 3.59
CA SER B 382 1.79 -30.18 4.72
C SER B 382 2.39 -30.96 5.90
N TRP B 383 1.79 -32.09 6.22
CA TRP B 383 2.24 -32.88 7.36
C TRP B 383 3.68 -33.39 7.16
N PHE B 384 4.06 -33.66 5.91
CA PHE B 384 5.38 -34.19 5.59
C PHE B 384 6.42 -33.09 5.58
N LYS B 385 6.07 -31.89 5.12
CA LYS B 385 6.99 -30.74 5.25
C LYS B 385 7.30 -30.55 6.74
N ARG B 386 6.26 -30.61 7.57
CA ARG B 386 6.36 -30.56 9.03
C ARG B 386 7.35 -31.59 9.56
N LEU B 387 7.05 -32.85 9.26
CA LEU B 387 7.86 -33.96 9.75
C LEU B 387 9.31 -33.86 9.30
N LEU B 388 9.51 -33.50 8.05
CA LEU B 388 10.82 -33.44 7.46
C LEU B 388 11.58 -32.32 8.13
N SER B 389 10.92 -31.17 8.28
CA SER B 389 11.48 -30.03 8.98
C SER B 389 12.02 -30.43 10.35
N LEU B 390 11.22 -31.13 11.15
CA LEU B 390 11.64 -31.54 12.50
C LEU B 390 12.78 -32.53 12.54
N LEU B 391 12.83 -33.41 11.54
CA LEU B 391 13.94 -34.34 11.39
C LEU B 391 15.20 -33.60 10.95
N LEU B 392 15.06 -32.70 9.98
CA LEU B 392 16.18 -31.90 9.48
C LEU B 392 16.69 -30.84 10.45
N LYS B 393 15.84 -30.39 11.37
CA LYS B 393 16.16 -29.23 12.20
C LYS B 393 17.50 -29.31 12.95
N PRO B 394 17.75 -30.42 13.68
CA PRO B 394 19.04 -30.55 14.35
C PRO B 394 20.23 -30.58 13.38
N LEU B 395 20.03 -31.06 12.16
CA LEU B 395 21.13 -31.20 11.19
C LEU B 395 21.28 -30.01 10.24
N PHE B 396 20.23 -29.74 9.46
CA PHE B 396 20.31 -28.73 8.40
C PHE B 396 19.24 -27.66 8.64
N PRO B 397 19.46 -26.79 9.65
CA PRO B 397 18.49 -25.81 10.13
C PRO B 397 17.82 -24.89 9.09
N ARG B 398 18.58 -24.48 8.08
CA ARG B 398 18.04 -23.59 7.04
C ARG B 398 16.99 -24.29 6.19
N LEU B 399 17.23 -25.57 5.93
CA LEU B 399 16.36 -26.35 5.08
C LEU B 399 15.10 -26.69 5.90
N ALA B 400 15.31 -27.04 7.16
CA ALA B 400 14.20 -27.28 8.09
C ALA B 400 13.29 -26.08 8.08
N ALA B 401 13.89 -24.91 8.31
CA ALA B 401 13.15 -23.65 8.38
C ALA B 401 12.35 -23.38 7.10
N PHE B 402 13.01 -23.58 5.96
CA PHE B 402 12.40 -23.42 4.65
C PHE B 402 11.16 -24.30 4.50
N LEU B 403 11.33 -25.60 4.72
CA LEU B 403 10.20 -26.53 4.66
C LEU B 403 9.07 -26.16 5.58
N ASN B 404 9.43 -25.77 6.78
CA ASN B 404 8.45 -25.50 7.82
C ASN B 404 7.59 -24.26 7.54
N ASN B 405 8.12 -23.34 6.75
CA ASN B 405 7.46 -22.06 6.52
C ASN B 405 6.78 -21.94 5.19
N MET B 406 6.69 -23.05 4.48
CA MET B 406 6.05 -23.04 3.16
C MET B 406 4.83 -23.93 3.16
N ARG B 407 4.08 -23.89 4.28
CA ARG B 407 2.93 -24.75 4.45
C ARG B 407 1.68 -23.94 4.33
N PRO B 408 0.55 -24.59 4.06
CA PRO B 408 -0.68 -23.83 4.02
C PRO B 408 -1.10 -23.36 5.42
N ARG B 409 -1.75 -22.20 5.49
CA ARG B 409 -2.23 -21.64 6.74
C ARG B 409 -3.61 -21.11 6.52
N SER B 410 -4.25 -20.84 7.65
CA SER B 410 -5.53 -20.16 7.65
C SER B 410 -5.33 -18.68 7.33
N ALA B 411 -6.42 -18.04 6.91
CA ALA B 411 -6.43 -16.60 6.78
C ALA B 411 -6.01 -15.99 8.10
N GLU B 412 -6.45 -16.60 9.20
CA GLU B 412 -6.13 -16.12 10.54
C GLU B 412 -4.63 -16.02 10.78
N LYS B 413 -3.91 -17.08 10.42
CA LYS B 413 -2.45 -17.11 10.56
C LYS B 413 -1.75 -16.18 9.53
N LEU B 414 -2.36 -16.01 8.34
CA LEU B 414 -1.83 -15.04 7.36
C LEU B 414 -1.86 -13.61 7.92
N TRP B 415 -3.00 -13.22 8.49
CA TRP B 415 -3.13 -11.90 9.13
C TRP B 415 -2.01 -11.71 10.14
N LYS B 416 -1.79 -12.73 10.98
CA LYS B 416 -0.73 -12.68 11.98
C LYS B 416 0.62 -12.45 11.30
N LEU B 417 0.89 -13.18 10.22
CA LEU B 417 2.17 -13.06 9.50
C LEU B 417 2.38 -11.65 8.89
N GLN B 418 1.34 -11.15 8.20
CA GLN B 418 1.36 -9.80 7.62
C GLN B 418 1.62 -8.75 8.72
N HIS B 419 1.03 -8.95 9.90
CA HIS B 419 1.29 -8.07 11.03
C HIS B 419 2.72 -8.13 11.52
N GLU B 420 3.32 -9.31 11.52
CA GLU B 420 4.73 -9.44 11.92
C GLU B 420 5.64 -8.76 10.92
N ILE B 421 5.36 -8.95 9.62
CA ILE B 421 6.06 -8.25 8.51
C ILE B 421 5.94 -6.75 8.65
N GLU B 422 4.75 -6.29 9.03
CA GLU B 422 4.45 -4.86 9.21
C GLU B 422 5.31 -4.30 10.32
N MET B 423 5.29 -4.92 11.48
CA MET B 423 6.16 -4.54 12.58
C MET B 423 7.64 -4.75 12.28
N TYR B 424 7.98 -5.80 11.56
CA TYR B 424 9.37 -6.02 11.22
C TYR B 424 9.92 -4.82 10.45
N ARG B 425 9.14 -4.37 9.48
CA ARG B 425 9.48 -3.23 8.65
C ARG B 425 9.73 -2.00 9.52
N GLN B 426 8.87 -1.82 10.51
CA GLN B 426 8.96 -0.70 11.42
C GLN B 426 10.12 -0.87 12.41
N SER B 427 10.50 -2.11 12.71
CA SER B 427 11.66 -2.38 13.57
C SER B 427 12.94 -1.96 12.85
N VAL B 428 13.06 -2.32 11.58
CA VAL B 428 14.25 -1.98 10.84
C VAL B 428 14.31 -0.46 10.63
N ILE B 429 13.16 0.17 10.40
CA ILE B 429 13.12 1.62 10.20
C ILE B 429 13.60 2.34 11.46
N ALA B 430 13.14 1.89 12.62
CA ALA B 430 13.59 2.46 13.89
C ALA B 430 15.13 2.36 14.00
N GLN B 431 15.65 1.15 13.83
CA GLN B 431 17.09 0.91 13.75
C GLN B 431 17.78 1.96 12.88
N TRP B 432 17.15 2.18 11.73
CA TRP B 432 17.69 3.01 10.67
C TRP B 432 17.79 4.43 11.16
N LYS B 433 16.69 4.91 11.76
CA LYS B 433 16.64 6.28 12.25
C LYS B 433 17.48 6.46 13.49
N ALA B 434 17.45 5.48 14.40
CA ALA B 434 18.31 5.46 15.59
C ALA B 434 19.76 5.66 15.21
N MET B 435 20.15 5.06 14.09
CA MET B 435 21.50 5.17 13.58
C MET B 435 21.61 6.36 12.62
N ASN B 436 20.48 6.98 12.29
CA ASN B 436 20.44 8.23 11.54
C ASN B 436 20.99 8.13 10.11
N LEU B 437 20.72 6.99 9.48
CA LEU B 437 21.19 6.70 8.13
C LEU B 437 20.43 7.50 7.08
N ASP B 438 21.11 7.84 6.00
CA ASP B 438 20.48 8.33 4.78
C ASP B 438 20.12 7.13 3.92
N VAL B 439 21.00 6.14 3.95
CA VAL B 439 21.09 5.17 2.88
C VAL B 439 21.89 3.97 3.38
N LEU B 440 21.83 2.85 2.65
CA LEU B 440 22.43 1.61 3.11
C LEU B 440 23.21 0.87 2.02
N LEU B 441 24.48 0.59 2.27
CA LEU B 441 25.34 -0.15 1.32
C LEU B 441 25.41 -1.62 1.72
N THR B 442 25.19 -2.51 0.76
CA THR B 442 25.24 -3.95 1.04
C THR B 442 25.86 -4.76 -0.10
N PRO B 443 26.23 -6.03 0.19
CA PRO B 443 26.71 -6.92 -0.84
C PRO B 443 25.58 -7.25 -1.78
N MET B 444 25.92 -7.49 -3.03
CA MET B 444 24.96 -8.11 -3.92
C MET B 444 25.50 -9.47 -4.28
N LEU B 445 24.63 -10.48 -4.34
CA LEU B 445 25.07 -11.80 -4.80
C LEU B 445 25.81 -11.70 -6.14
N GLY B 446 26.95 -12.36 -6.18
CA GLY B 446 27.83 -12.32 -7.34
C GLY B 446 29.13 -13.04 -7.05
N PRO B 447 29.84 -13.44 -8.10
CA PRO B 447 29.53 -13.30 -9.51
C PRO B 447 28.45 -14.27 -9.97
N ALA B 448 28.14 -14.21 -11.26
CA ALA B 448 27.13 -15.06 -11.87
C ALA B 448 27.33 -16.50 -11.49
N LEU B 449 26.26 -17.12 -11.02
CA LEU B 449 26.28 -18.54 -10.73
C LEU B 449 26.26 -19.34 -12.03
N ASP B 450 26.81 -20.56 -11.96
CA ASP B 450 26.76 -21.53 -13.06
C ASP B 450 25.33 -21.78 -13.48
N LEU B 451 25.18 -22.41 -14.62
CA LEU B 451 24.00 -22.27 -15.39
C LEU B 451 22.77 -23.13 -14.96
N ASN B 452 22.85 -23.97 -13.95
CA ASN B 452 21.57 -24.58 -13.43
C ASN B 452 21.52 -24.65 -11.91
N THR B 453 22.21 -23.72 -11.29
CA THR B 453 22.46 -23.77 -9.88
C THR B 453 21.62 -22.79 -9.03
N PRO B 454 21.21 -21.63 -9.60
CA PRO B 454 20.31 -20.76 -8.81
C PRO B 454 19.12 -21.46 -8.15
N GLY B 455 18.53 -22.44 -8.86
CA GLY B 455 17.44 -23.23 -8.31
C GLY B 455 17.85 -24.23 -7.24
N ARG B 456 19.12 -24.23 -6.86
CA ARG B 456 19.59 -25.10 -5.78
C ARG B 456 20.50 -24.40 -4.79
N ALA B 457 20.87 -23.15 -5.08
CA ALA B 457 21.53 -22.29 -4.12
C ALA B 457 20.46 -21.35 -3.58
N THR B 458 19.54 -21.96 -2.85
CA THR B 458 18.35 -21.26 -2.39
C THR B 458 18.62 -20.19 -1.32
N GLY B 459 19.58 -20.45 -0.44
CA GLY B 459 19.93 -19.47 0.59
C GLY B 459 20.43 -18.13 0.09
N ALA B 460 20.99 -18.10 -1.12
CA ALA B 460 21.74 -16.93 -1.65
C ALA B 460 20.84 -15.76 -2.06
N VAL B 461 19.56 -16.05 -2.01
CA VAL B 461 18.54 -15.07 -2.24
C VAL B 461 18.52 -14.02 -1.09
N SER B 462 19.28 -14.28 -0.02
CA SER B 462 19.19 -13.51 1.22
C SER B 462 19.50 -12.04 1.06
N TYR B 463 20.49 -11.71 0.26
CA TYR B 463 20.91 -10.31 0.14
C TYR B 463 19.82 -9.43 -0.47
N THR B 464 19.08 -9.98 -1.42
CA THR B 464 18.02 -9.23 -2.09
C THR B 464 16.65 -9.38 -1.42
N MET B 465 16.28 -10.61 -1.08
CA MET B 465 14.97 -10.92 -0.50
C MET B 465 14.66 -10.06 0.69
N LEU B 466 15.65 -9.86 1.54
CA LEU B 466 15.42 -9.07 2.74
C LEU B 466 14.71 -7.77 2.44
N TYR B 467 15.04 -7.11 1.34
CA TYR B 467 14.44 -5.81 1.01
C TYR B 467 13.14 -5.90 0.23
N ASN B 468 12.84 -7.07 -0.34
CA ASN B 468 11.48 -7.34 -0.79
C ASN B 468 10.53 -7.44 0.38
N CYS B 469 10.99 -8.14 1.39
CA CYS B 469 10.29 -8.34 2.62
C CYS B 469 10.03 -7.02 3.33
N LEU B 470 11.06 -6.18 3.37
CA LEU B 470 10.92 -4.84 3.93
C LEU B 470 10.25 -3.85 2.98
N ASP B 471 10.12 -4.21 1.71
CA ASP B 471 9.61 -3.29 0.70
C ASP B 471 10.37 -1.93 0.70
N PHE B 472 11.70 -2.00 0.81
CA PHE B 472 12.57 -0.84 0.67
C PHE B 472 13.03 -0.77 -0.80
N PRO B 473 13.15 0.45 -1.37
CA PRO B 473 13.76 0.52 -2.68
C PRO B 473 15.18 -0.03 -2.58
N ALA B 474 15.57 -0.83 -3.55
CA ALA B 474 16.90 -1.37 -3.52
C ALA B 474 17.38 -1.51 -4.95
N GLY B 475 18.57 -1.01 -5.18
CA GLY B 475 19.16 -1.05 -6.49
C GLY B 475 20.56 -1.59 -6.40
N VAL B 476 21.09 -1.88 -7.58
CA VAL B 476 22.27 -2.68 -7.70
C VAL B 476 23.11 -2.00 -8.78
N VAL B 477 24.39 -1.83 -8.53
CA VAL B 477 25.27 -1.22 -9.52
C VAL B 477 26.62 -1.95 -9.53
N PRO B 478 27.11 -2.30 -10.76
CA PRO B 478 28.39 -3.00 -10.86
C PRO B 478 29.50 -2.07 -10.45
N VAL B 479 30.53 -2.62 -9.82
CA VAL B 479 31.61 -1.84 -9.25
C VAL B 479 32.99 -2.45 -9.49
N THR B 480 33.03 -3.72 -9.87
CA THR B 480 34.29 -4.42 -10.11
C THR B 480 34.07 -5.72 -10.92
N THR B 481 35.17 -6.39 -11.25
CA THR B 481 35.10 -7.74 -11.86
C THR B 481 35.97 -8.70 -11.04
N VAL B 482 35.67 -9.99 -11.14
CA VAL B 482 36.36 -11.02 -10.38
C VAL B 482 37.79 -11.15 -10.83
N THR B 483 38.73 -10.91 -9.91
CA THR B 483 40.13 -11.15 -10.21
C THR B 483 40.41 -12.64 -9.99
N ALA B 484 41.49 -13.13 -10.59
CA ALA B 484 41.91 -14.51 -10.34
C ALA B 484 42.15 -14.72 -8.85
N GLU B 485 42.68 -13.69 -8.19
CA GLU B 485 42.88 -13.75 -6.73
C GLU B 485 41.57 -14.06 -6.02
N ASP B 486 40.49 -13.40 -6.44
CA ASP B 486 39.16 -13.60 -5.84
C ASP B 486 38.64 -14.97 -6.18
N ASP B 487 38.97 -15.44 -7.38
CA ASP B 487 38.42 -16.68 -7.87
C ASP B 487 39.07 -17.84 -7.16
N ALA B 488 40.38 -17.72 -6.93
CA ALA B 488 41.13 -18.77 -6.23
C ALA B 488 40.66 -18.85 -4.78
N GLN B 489 40.36 -17.70 -4.19
CA GLN B 489 39.91 -17.63 -2.79
C GLN B 489 38.58 -18.37 -2.54
N MET B 490 37.78 -18.54 -3.61
CA MET B 490 36.59 -19.41 -3.57
C MET B 490 36.85 -20.85 -3.07
N GLU B 491 38.06 -21.37 -3.24
CA GLU B 491 38.36 -22.68 -2.67
C GLU B 491 38.35 -22.71 -1.14
N LEU B 492 38.61 -21.57 -0.52
CA LEU B 492 38.56 -21.42 0.94
C LEU B 492 37.17 -21.11 1.47
N TYR B 493 36.25 -20.81 0.55
CA TYR B 493 34.84 -20.61 0.89
C TYR B 493 34.21 -21.90 1.39
N LYS B 494 33.65 -21.82 2.58
CA LYS B 494 32.71 -22.82 3.10
C LYS B 494 31.67 -21.94 3.74
N GLY B 495 30.40 -22.08 3.43
CA GLY B 495 29.44 -21.06 3.90
C GLY B 495 29.28 -21.02 5.41
N TYR B 496 28.31 -20.28 5.90
CA TYR B 496 28.05 -20.23 7.34
C TYR B 496 27.37 -21.49 7.88
N PHE B 497 26.88 -22.34 6.99
CA PHE B 497 26.10 -23.50 7.40
C PHE B 497 26.71 -24.83 6.95
N GLY B 498 27.27 -24.84 5.76
CA GLY B 498 27.81 -26.05 5.19
C GLY B 498 26.73 -26.99 4.71
N ASP B 499 25.48 -26.53 4.60
CA ASP B 499 24.42 -27.34 4.00
C ASP B 499 24.58 -27.28 2.49
N ILE B 500 23.76 -28.01 1.75
CA ILE B 500 24.00 -28.13 0.30
C ILE B 500 23.76 -26.81 -0.44
N TRP B 501 22.96 -25.91 0.13
CA TRP B 501 22.81 -24.58 -0.45
C TRP B 501 24.15 -23.87 -0.50
N ASP B 502 24.92 -23.94 0.59
CA ASP B 502 26.25 -23.35 0.60
C ASP B 502 27.19 -24.10 -0.34
N ILE B 503 27.08 -25.42 -0.35
CA ILE B 503 27.96 -26.27 -1.16
C ILE B 503 27.76 -26.01 -2.64
N ILE B 504 26.51 -25.81 -3.04
CA ILE B 504 26.16 -25.58 -4.43
C ILE B 504 26.53 -24.17 -4.86
N LEU B 505 26.31 -23.20 -3.97
CA LEU B 505 26.78 -21.85 -4.21
C LEU B 505 28.29 -21.86 -4.36
N LYS B 506 28.99 -22.49 -3.43
CA LYS B 506 30.46 -22.53 -3.48
C LYS B 506 30.90 -22.91 -4.88
N LYS B 507 30.37 -24.03 -5.36
CA LYS B 507 30.71 -24.54 -6.68
C LYS B 507 30.27 -23.58 -7.78
N ALA B 508 29.04 -23.11 -7.67
CA ALA B 508 28.43 -22.27 -8.68
C ALA B 508 29.13 -20.91 -8.90
N MET B 509 29.87 -20.41 -7.92
CA MET B 509 30.54 -19.13 -8.06
C MET B 509 32.00 -19.25 -8.47
N LYS B 510 32.45 -20.47 -8.79
CA LYS B 510 33.83 -20.71 -9.28
C LYS B 510 33.92 -20.46 -10.79
N ASN B 511 35.14 -20.49 -11.31
CA ASN B 511 35.41 -20.25 -12.72
C ASN B 511 34.72 -18.97 -13.20
N SER B 512 34.89 -17.89 -12.45
CA SER B 512 34.14 -16.65 -12.69
C SER B 512 35.04 -15.44 -13.01
N VAL B 513 36.28 -15.69 -13.44
CA VAL B 513 37.24 -14.62 -13.60
C VAL B 513 36.77 -13.65 -14.69
N GLY B 514 36.78 -12.36 -14.39
CA GLY B 514 36.36 -11.34 -15.36
C GLY B 514 34.90 -10.93 -15.33
N LEU B 515 34.08 -11.69 -14.60
CA LEU B 515 32.63 -11.40 -14.47
C LEU B 515 32.35 -10.19 -13.57
N PRO B 516 31.23 -9.49 -13.81
CA PRO B 516 30.97 -8.30 -13.04
C PRO B 516 30.49 -8.65 -11.65
N VAL B 517 30.88 -7.84 -10.69
CA VAL B 517 30.42 -7.97 -9.34
C VAL B 517 29.82 -6.65 -8.95
N ALA B 518 28.71 -6.75 -8.24
CA ALA B 518 27.94 -5.58 -7.89
C ALA B 518 27.81 -5.41 -6.38
N VAL B 519 27.22 -4.28 -6.05
CA VAL B 519 27.01 -3.84 -4.72
C VAL B 519 25.55 -3.42 -4.72
N GLN B 520 24.90 -3.52 -3.57
CA GLN B 520 23.49 -3.13 -3.47
C GLN B 520 23.36 -1.81 -2.72
N CYS B 521 22.44 -0.96 -3.18
CA CYS B 521 22.12 0.30 -2.54
C CYS B 521 20.66 0.31 -2.13
N VAL B 522 20.42 0.60 -0.86
CA VAL B 522 19.10 0.60 -0.28
C VAL B 522 18.78 1.98 0.31
N ALA B 523 17.54 2.44 0.12
CA ALA B 523 17.00 3.60 0.85
C ALA B 523 15.68 3.18 1.55
N LEU B 524 15.11 4.07 2.35
CA LEU B 524 13.82 3.83 3.00
C LEU B 524 12.70 3.82 1.96
N PRO B 525 11.53 3.28 2.30
CA PRO B 525 10.39 3.33 1.39
C PRO B 525 10.08 4.71 0.81
N TRP B 526 9.73 4.71 -0.48
CA TRP B 526 9.36 5.91 -1.25
C TRP B 526 10.51 6.83 -1.62
N GLN B 527 11.74 6.36 -1.38
CA GLN B 527 12.95 7.17 -1.55
C GLN B 527 13.82 6.69 -2.73
N GLU B 528 13.18 6.38 -3.86
CA GLU B 528 13.93 5.86 -5.02
C GLU B 528 14.84 6.94 -5.60
N GLU B 529 14.41 8.20 -5.51
CA GLU B 529 15.31 9.28 -5.92
C GLU B 529 16.57 9.28 -5.05
N LEU B 530 16.42 9.21 -3.73
CA LEU B 530 17.59 9.15 -2.84
C LEU B 530 18.47 7.95 -3.16
N CYS B 531 17.83 6.81 -3.32
CA CYS B 531 18.50 5.56 -3.62
C CYS B 531 19.34 5.67 -4.87
N LEU B 532 18.75 6.27 -5.90
CA LEU B 532 19.46 6.49 -7.16
C LEU B 532 20.61 7.47 -6.99
N ARG B 533 20.43 8.50 -6.17
CA ARG B 533 21.51 9.42 -5.86
C ARG B 533 22.70 8.64 -5.30
N PHE B 534 22.46 7.73 -4.36
CA PHE B 534 23.53 6.91 -3.82
C PHE B 534 24.17 6.03 -4.90
N MET B 535 23.36 5.25 -5.61
CA MET B 535 23.83 4.48 -6.77
C MET B 535 24.70 5.28 -7.74
N ARG B 536 24.28 6.50 -8.05
CA ARG B 536 25.04 7.40 -8.92
C ARG B 536 26.43 7.71 -8.35
N GLU B 537 26.49 7.87 -7.02
CA GLU B 537 27.73 8.15 -6.32
C GLU B 537 28.64 6.94 -6.41
N VAL B 538 28.08 5.77 -6.07
CA VAL B 538 28.80 4.51 -6.17
C VAL B 538 29.33 4.35 -7.58
N GLU B 539 28.44 4.50 -8.57
CA GLU B 539 28.83 4.35 -9.97
C GLU B 539 29.99 5.27 -10.32
N GLN B 540 29.84 6.55 -10.02
CA GLN B 540 30.89 7.55 -10.24
C GLN B 540 32.23 7.12 -9.63
N LEU B 541 32.21 6.79 -8.34
CA LEU B 541 33.44 6.53 -7.61
C LEU B 541 34.11 5.22 -8.00
N MET B 542 33.34 4.25 -8.51
CA MET B 542 33.93 2.97 -8.96
C MET B 542 34.13 2.89 -10.47
N THR B 543 33.56 3.86 -11.19
CA THR B 543 33.68 3.96 -12.64
C THR B 543 34.19 5.36 -13.04
O9 PIX C . -15.11 1.99 10.73
C8 PIX C . -15.93 1.88 11.64
N3 PIX C . -16.61 0.77 11.90
C2 PIX C . -17.57 0.74 13.01
C1 PIX C . -18.87 0.06 12.55
C4 PIX C . -16.40 -0.43 11.09
C5 PIX C . -17.71 -1.07 10.72
C6 PIX C . -18.63 -1.30 11.91
C7 PIX C . -19.98 -1.84 11.46
C12 PIX C . -19.90 -3.28 11.07
C13 PIX C . -20.14 -4.27 12.01
C14 PIX C . -20.04 -5.62 11.66
C15 PIX C . -19.73 -5.97 10.35
C17 PIX C . -19.60 -3.63 9.77
C16 PIX C . -19.50 -4.97 9.43
O18 PIX C . -19.20 -5.28 8.15
C19 PIX C . -20.23 -5.38 7.26
C20 PIX C . -21.55 -5.33 7.70
C21 PIX C . -22.57 -5.43 6.77
N24 PIX C . -19.94 -5.51 5.94
C23 PIX C . -20.92 -5.60 5.03
C24 PIX C . -22.27 -5.57 5.43
C25 PIX C . -23.37 -5.67 4.40
F28 PIX C . -22.99 -6.36 3.35
F26 PIX C . -24.44 -6.25 4.91
F27 PIX C . -23.66 -4.45 3.99
CL CL D . 0.84 2.77 -0.97
NA NA E . -28.13 -10.30 -1.97
O9 PIX F . 12.20 -11.87 -7.78
C8 PIX F . 12.61 -12.81 -8.47
N3 PIX F . 12.50 -14.08 -8.07
C2 PIX F . 12.99 -15.16 -8.89
C1 PIX F . 13.92 -15.97 -8.00
C4 PIX F . 11.86 -14.38 -6.80
C5 PIX F . 12.83 -15.21 -5.98
C6 PIX F . 13.19 -16.46 -6.77
C7 PIX F . 14.07 -17.41 -5.96
C12 PIX F . 13.25 -18.15 -4.91
C13 PIX F . 12.79 -19.43 -5.16
C14 PIX F . 12.08 -20.12 -4.19
C15 PIX F . 11.81 -19.54 -2.97
C17 PIX F . 12.99 -17.57 -3.69
C16 PIX F . 12.26 -18.26 -2.73
O18 PIX F . 12.02 -17.67 -1.53
C19 PIX F . 12.93 -17.82 -0.50
C20 PIX F . 14.09 -18.55 -0.68
C21 PIX F . 14.99 -18.67 0.37
N24 PIX F . 12.67 -17.25 0.71
C23 PIX F . 13.52 -17.36 1.74
C24 PIX F . 14.70 -18.07 1.60
C25 PIX F . 15.65 -18.25 2.73
F28 PIX F . 15.00 -18.33 3.88
F26 PIX F . 16.32 -19.39 2.58
F27 PIX F . 16.49 -17.23 2.76
NA NA G . 18.51 -21.15 10.81
NA NA H . 11.23 -22.53 11.46
#